data_1WSR
#
_entry.id   1WSR
#
_cell.length_a   54.170
_cell.length_b   128.520
_cell.length_c   136.170
_cell.angle_alpha   90.00
_cell.angle_beta   90.00
_cell.angle_gamma   90.00
#
_symmetry.space_group_name_H-M   'P 21 21 21'
#
loop_
_entity.id
_entity.type
_entity.pdbx_description
1 polymer Aminomethyltransferase
2 non-polymer 'SULFATE ION'
3 water water
#
_entity_poly.entity_id   1
_entity_poly.type   'polypeptide(L)'
_entity_poly.pdbx_seq_one_letter_code
;AQEVLRRTPLYDFHLAHGGKMVAFAGWSLPVQYRDSHTDSHLHTRQHCSLFDVSHMLQTKILGSDRVKLMESLVVGDIAE
LRPNQGTLSLFTNEAGGILDDLIVTNTSEGHLYVVSNAGCWEKDLALMQDKVRELQNQGRDVGLEVLDNALLALQGPTAA
QVLQAGVADDLRKLPFMTSAVMEVFGVSGCRVTRCGYTGEDGVEISVPVAGAVHLATAILKNPEVKLAGLAARDSLRLEA
GLCLYGNDIDEHTTPVEGSLSWTLGKRRRAAMDFPGAKVIVPQLKGRVQRRRVGLMCEGAPMRAHSPILNMEGTKIGTVT
SGCPSPSLKKNVAMGYVPCEYSRPGTMLLVEVRRKQQMAVVSKMPFVPTNYYTLK
;
_entity_poly.pdbx_strand_id   A,B
#
loop_
_chem_comp.id
_chem_comp.type
_chem_comp.name
_chem_comp.formula
SO4 non-polymer 'SULFATE ION' 'O4 S -2'
#
# COMPACT_ATOMS: atom_id res chain seq x y z
N VAL A 4 -6.79 13.49 -4.54
CA VAL A 4 -7.03 12.81 -5.84
C VAL A 4 -7.55 11.39 -5.60
N LEU A 5 -8.73 11.11 -6.11
CA LEU A 5 -9.35 9.80 -5.93
C LEU A 5 -8.88 8.81 -6.98
N ARG A 6 -8.73 7.55 -6.56
CA ARG A 6 -8.32 6.50 -7.47
C ARG A 6 -9.54 6.05 -8.28
N ARG A 7 -9.30 5.53 -9.47
CA ARG A 7 -10.39 5.10 -10.35
C ARG A 7 -10.27 3.63 -10.71
N THR A 8 -11.39 2.91 -10.69
CA THR A 8 -11.36 1.50 -11.08
C THR A 8 -11.46 1.45 -12.60
N PRO A 9 -11.28 0.26 -13.19
CA PRO A 9 -11.36 0.10 -14.65
C PRO A 9 -12.73 0.46 -15.22
N LEU A 10 -13.75 0.51 -14.37
CA LEU A 10 -15.11 0.82 -14.83
C LEU A 10 -15.51 2.29 -14.63
N TYR A 11 -14.57 3.12 -14.23
CA TYR A 11 -14.84 4.55 -13.99
C TYR A 11 -15.71 5.22 -15.08
N ASP A 12 -15.24 5.20 -16.31
CA ASP A 12 -15.98 5.82 -17.42
C ASP A 12 -17.30 5.12 -17.67
N PHE A 13 -17.32 3.82 -17.43
CA PHE A 13 -18.52 2.99 -17.58
C PHE A 13 -19.59 3.51 -16.61
N HIS A 14 -19.18 3.77 -15.38
CA HIS A 14 -20.10 4.28 -14.36
C HIS A 14 -20.72 5.61 -14.76
N LEU A 15 -19.86 6.54 -15.17
CA LEU A 15 -20.34 7.86 -15.59
C LEU A 15 -21.27 7.78 -16.78
N ALA A 16 -20.92 6.93 -17.75
CA ALA A 16 -21.74 6.77 -18.95
C ALA A 16 -23.14 6.29 -18.61
N HIS A 17 -23.28 5.57 -17.50
CA HIS A 17 -24.59 5.06 -17.10
C HIS A 17 -25.26 5.88 -16.00
N GLY A 18 -24.91 7.16 -15.92
CA GLY A 18 -25.52 8.04 -14.94
C GLY A 18 -25.03 7.94 -13.52
N GLY A 19 -23.86 7.36 -13.32
CA GLY A 19 -23.33 7.22 -11.97
C GLY A 19 -23.02 8.56 -11.30
N LYS A 20 -23.41 8.69 -10.05
CA LYS A 20 -23.15 9.90 -9.28
C LYS A 20 -21.96 9.55 -8.39
N MET A 21 -20.78 9.95 -8.86
CA MET A 21 -19.53 9.63 -8.18
C MET A 21 -19.26 10.38 -6.88
N VAL A 22 -18.76 9.65 -5.89
CA VAL A 22 -18.41 10.21 -4.59
C VAL A 22 -17.13 9.54 -4.13
N ALA A 23 -16.52 10.09 -3.09
CA ALA A 23 -15.29 9.53 -2.54
C ALA A 23 -15.62 8.39 -1.60
N PHE A 24 -14.91 7.27 -1.75
CA PHE A 24 -15.10 6.11 -0.89
C PHE A 24 -13.77 5.42 -0.71
N ALA A 25 -13.21 5.50 0.49
CA ALA A 25 -11.93 4.88 0.79
C ALA A 25 -10.83 5.31 -0.18
N GLY A 26 -10.90 6.56 -0.64
CA GLY A 26 -9.89 7.06 -1.56
C GLY A 26 -10.14 6.73 -3.02
N TRP A 27 -11.31 6.16 -3.30
CA TRP A 27 -11.68 5.81 -4.67
C TRP A 27 -12.89 6.61 -5.11
N SER A 28 -13.08 6.73 -6.42
CA SER A 28 -14.23 7.43 -6.97
C SER A 28 -15.22 6.36 -7.41
N LEU A 29 -16.32 6.23 -6.69
CA LEU A 29 -17.33 5.24 -7.00
C LEU A 29 -18.73 5.85 -6.97
N PRO A 30 -19.68 5.24 -7.70
CA PRO A 30 -21.05 5.79 -7.69
C PRO A 30 -21.83 5.48 -6.43
N VAL A 31 -22.39 6.52 -5.81
CA VAL A 31 -23.19 6.33 -4.61
C VAL A 31 -24.54 5.76 -5.07
N GLN A 32 -24.90 6.09 -6.30
CA GLN A 32 -26.12 5.61 -6.92
C GLN A 32 -26.06 6.02 -8.39
N TYR A 33 -27.03 5.59 -9.19
CA TYR A 33 -27.07 5.95 -10.60
C TYR A 33 -28.31 6.79 -10.86
N ARG A 34 -29.11 6.43 -11.86
CA ARG A 34 -30.31 7.20 -12.16
C ARG A 34 -31.47 6.89 -11.21
N ASP A 35 -31.67 5.61 -10.92
CA ASP A 35 -32.75 5.23 -10.01
C ASP A 35 -32.33 5.50 -8.57
N SER A 36 -33.31 5.77 -7.70
CA SER A 36 -33.03 6.05 -6.30
C SER A 36 -32.37 4.83 -5.68
N HIS A 37 -31.56 5.04 -4.63
CA HIS A 37 -30.90 3.91 -4.00
C HIS A 37 -31.93 2.98 -3.36
N THR A 38 -33.09 3.52 -2.98
CA THR A 38 -34.14 2.69 -2.41
C THR A 38 -34.69 1.75 -3.47
N ASP A 39 -34.95 2.27 -4.66
CA ASP A 39 -35.46 1.42 -5.74
C ASP A 39 -34.39 0.41 -6.17
N SER A 40 -33.13 0.84 -6.16
CA SER A 40 -32.01 -0.04 -6.54
C SER A 40 -31.94 -1.19 -5.54
N HIS A 41 -32.14 -0.87 -4.27
CA HIS A 41 -32.11 -1.86 -3.21
C HIS A 41 -33.18 -2.92 -3.45
N LEU A 42 -34.42 -2.46 -3.66
CA LEU A 42 -35.54 -3.37 -3.90
C LEU A 42 -35.32 -4.21 -5.17
N HIS A 43 -34.80 -3.59 -6.22
CA HIS A 43 -34.54 -4.31 -7.46
C HIS A 43 -33.59 -5.48 -7.21
N THR A 44 -32.60 -5.26 -6.35
CA THR A 44 -31.61 -6.29 -6.05
C THR A 44 -32.22 -7.53 -5.40
N ARG A 45 -33.23 -7.33 -4.55
CA ARG A 45 -33.86 -8.46 -3.88
C ARG A 45 -34.94 -9.16 -4.72
N GLN A 46 -35.36 -8.54 -5.82
CA GLN A 46 -36.37 -9.16 -6.68
C GLN A 46 -35.78 -9.70 -7.99
N HIS A 47 -34.65 -9.16 -8.40
CA HIS A 47 -33.99 -9.57 -9.64
C HIS A 47 -32.50 -9.70 -9.34
N CYS A 48 -31.71 -8.73 -9.78
CA CYS A 48 -30.29 -8.73 -9.48
C CYS A 48 -29.63 -7.42 -9.89
N SER A 49 -28.59 -7.05 -9.17
CA SER A 49 -27.86 -5.82 -9.45
C SER A 49 -26.38 -6.12 -9.60
N LEU A 50 -25.70 -5.27 -10.36
CA LEU A 50 -24.26 -5.41 -10.60
C LEU A 50 -23.52 -4.31 -9.87
N PHE A 51 -22.59 -4.71 -9.01
CA PHE A 51 -21.76 -3.79 -8.22
C PHE A 51 -20.30 -3.88 -8.64
N ASP A 52 -19.59 -2.75 -8.59
CA ASP A 52 -18.17 -2.72 -8.92
C ASP A 52 -17.42 -2.74 -7.59
N VAL A 53 -16.60 -3.77 -7.39
CA VAL A 53 -15.82 -3.89 -6.16
C VAL A 53 -14.35 -4.07 -6.49
N SER A 54 -13.94 -3.50 -7.63
CA SER A 54 -12.57 -3.59 -8.10
C SER A 54 -11.56 -2.90 -7.18
N HIS A 55 -12.05 -2.13 -6.22
CA HIS A 55 -11.17 -1.43 -5.28
C HIS A 55 -10.74 -2.33 -4.12
N MET A 56 -11.38 -3.50 -4.00
CA MET A 56 -11.03 -4.44 -2.94
C MET A 56 -9.64 -5.00 -3.22
N LEU A 57 -8.93 -5.41 -2.18
CA LEU A 57 -7.60 -5.98 -2.36
C LEU A 57 -7.71 -7.48 -2.67
N GLN A 58 -7.12 -7.89 -3.79
CA GLN A 58 -7.11 -9.30 -4.18
C GLN A 58 -5.67 -9.80 -4.15
N THR A 59 -5.42 -10.84 -3.37
CA THR A 59 -4.07 -11.38 -3.26
C THR A 59 -4.05 -12.90 -3.33
N LYS A 60 -2.89 -13.43 -3.69
CA LYS A 60 -2.69 -14.87 -3.78
C LYS A 60 -1.54 -15.23 -2.85
N ILE A 61 -1.70 -16.31 -2.10
CA ILE A 61 -0.65 -16.76 -1.21
C ILE A 61 -0.14 -18.05 -1.84
N LEU A 62 1.16 -18.08 -2.14
CA LEU A 62 1.77 -19.25 -2.76
C LEU A 62 2.75 -19.94 -1.82
N GLY A 63 3.23 -21.11 -2.23
CA GLY A 63 4.18 -21.84 -1.42
C GLY A 63 3.59 -22.98 -0.63
N SER A 64 4.43 -23.92 -0.20
CA SER A 64 3.97 -25.07 0.56
C SER A 64 3.52 -24.68 1.96
N ASP A 65 3.99 -23.54 2.45
CA ASP A 65 3.61 -23.08 3.79
C ASP A 65 2.54 -22.00 3.76
N ARG A 66 1.77 -21.93 2.69
CA ARG A 66 0.73 -20.93 2.56
C ARG A 66 -0.37 -21.08 3.62
N VAL A 67 -0.77 -22.31 3.92
CA VAL A 67 -1.81 -22.50 4.94
C VAL A 67 -1.28 -22.10 6.31
N LYS A 68 -0.04 -22.47 6.61
CA LYS A 68 0.56 -22.11 7.89
C LYS A 68 0.58 -20.60 8.07
N LEU A 69 0.95 -19.90 7.01
CA LEU A 69 1.01 -18.44 7.07
C LEU A 69 -0.38 -17.86 7.32
N MET A 70 -1.35 -18.29 6.54
CA MET A 70 -2.71 -17.79 6.67
C MET A 70 -3.32 -18.07 8.05
N GLU A 71 -3.18 -19.30 8.54
CA GLU A 71 -3.76 -19.61 9.85
C GLU A 71 -3.10 -18.83 10.99
N SER A 72 -1.86 -18.39 10.79
CA SER A 72 -1.19 -17.61 11.83
C SER A 72 -1.77 -16.20 11.85
N LEU A 73 -2.52 -15.85 10.82
CA LEU A 73 -3.12 -14.53 10.70
C LEU A 73 -4.63 -14.46 10.88
N VAL A 74 -5.34 -15.55 10.56
CA VAL A 74 -6.80 -15.58 10.67
C VAL A 74 -7.31 -16.62 11.68
N VAL A 75 -8.60 -16.55 11.96
CA VAL A 75 -9.23 -17.44 12.93
C VAL A 75 -9.94 -18.67 12.34
N GLY A 76 -10.05 -18.74 11.03
CA GLY A 76 -10.74 -19.87 10.43
C GLY A 76 -9.94 -21.15 10.24
N ASP A 77 -10.67 -22.25 10.00
CA ASP A 77 -10.06 -23.55 9.76
C ASP A 77 -9.68 -23.54 8.28
N ILE A 78 -8.48 -23.09 7.97
CA ILE A 78 -8.06 -23.01 6.58
C ILE A 78 -7.60 -24.34 6.01
N ALA A 79 -6.90 -25.14 6.83
CA ALA A 79 -6.40 -26.44 6.39
C ALA A 79 -7.53 -27.34 5.90
N GLU A 80 -8.68 -27.26 6.57
CA GLU A 80 -9.84 -28.08 6.21
C GLU A 80 -10.55 -27.71 4.91
N LEU A 81 -10.22 -26.56 4.34
CA LEU A 81 -10.86 -26.13 3.10
C LEU A 81 -10.51 -27.08 1.95
N ARG A 82 -11.54 -27.63 1.30
CA ARG A 82 -11.34 -28.52 0.17
C ARG A 82 -11.00 -27.67 -1.04
N PRO A 83 -10.49 -28.29 -2.12
CA PRO A 83 -10.16 -27.51 -3.32
C PRO A 83 -11.37 -26.73 -3.82
N ASN A 84 -11.15 -25.43 -4.07
CA ASN A 84 -12.18 -24.53 -4.56
C ASN A 84 -13.27 -24.20 -3.55
N GLN A 85 -12.94 -24.39 -2.28
CA GLN A 85 -13.86 -24.08 -1.19
C GLN A 85 -13.27 -22.89 -0.45
N GLY A 86 -14.11 -21.96 -0.05
CA GLY A 86 -13.61 -20.80 0.66
C GLY A 86 -14.39 -20.52 1.93
N THR A 87 -13.89 -19.58 2.73
CA THR A 87 -14.58 -19.22 3.96
C THR A 87 -14.38 -17.76 4.33
N LEU A 88 -15.37 -17.21 5.00
CA LEU A 88 -15.29 -15.84 5.46
C LEU A 88 -14.45 -15.95 6.72
N SER A 89 -13.56 -14.99 6.95
CA SER A 89 -12.73 -15.05 8.14
C SER A 89 -12.33 -13.66 8.60
N LEU A 90 -11.49 -13.61 9.62
CA LEU A 90 -11.05 -12.34 10.17
C LEU A 90 -9.56 -12.36 10.53
N PHE A 91 -8.92 -11.21 10.35
CA PHE A 91 -7.52 -11.04 10.72
C PHE A 91 -7.65 -10.54 12.17
N THR A 92 -6.97 -11.18 13.11
CA THR A 92 -7.03 -10.73 14.50
C THR A 92 -5.64 -10.54 15.06
N ASN A 93 -5.46 -9.55 15.93
CA ASN A 93 -4.16 -9.31 16.53
C ASN A 93 -4.04 -10.14 17.81
N GLU A 94 -2.90 -10.06 18.47
CA GLU A 94 -2.70 -10.82 19.70
C GLU A 94 -3.70 -10.49 20.79
N ALA A 95 -4.23 -9.27 20.77
CA ALA A 95 -5.21 -8.85 21.77
C ALA A 95 -6.63 -9.26 21.38
N GLY A 96 -6.76 -9.95 20.25
CA GLY A 96 -8.08 -10.37 19.81
C GLY A 96 -8.86 -9.38 18.98
N GLY A 97 -8.30 -8.18 18.78
CA GLY A 97 -8.97 -7.16 17.99
C GLY A 97 -9.02 -7.55 16.52
N ILE A 98 -10.05 -7.09 15.81
CA ILE A 98 -10.19 -7.41 14.39
C ILE A 98 -9.48 -6.40 13.50
N LEU A 99 -8.55 -6.90 12.68
CA LEU A 99 -7.80 -6.03 11.78
C LEU A 99 -8.54 -5.82 10.47
N ASP A 100 -9.39 -6.78 10.11
CA ASP A 100 -10.21 -6.68 8.91
C ASP A 100 -10.94 -8.00 8.69
N ASP A 101 -12.01 -7.96 7.89
CA ASP A 101 -12.74 -9.17 7.58
C ASP A 101 -12.39 -9.49 6.13
N LEU A 102 -12.39 -10.78 5.79
CA LEU A 102 -12.02 -11.18 4.44
C LEU A 102 -12.61 -12.53 4.08
N ILE A 103 -12.26 -12.98 2.88
CA ILE A 103 -12.68 -14.29 2.40
C ILE A 103 -11.41 -14.96 1.88
N VAL A 104 -11.24 -16.23 2.22
CA VAL A 104 -10.07 -16.99 1.80
C VAL A 104 -10.52 -18.27 1.11
N THR A 105 -9.96 -18.52 -0.06
CA THR A 105 -10.33 -19.70 -0.84
C THR A 105 -9.12 -20.56 -1.18
N ASN A 106 -9.27 -21.87 -1.02
CA ASN A 106 -8.21 -22.80 -1.36
C ASN A 106 -8.47 -23.20 -2.81
N THR A 107 -7.68 -22.67 -3.73
CA THR A 107 -7.87 -22.98 -5.15
C THR A 107 -7.22 -24.31 -5.53
N SER A 108 -7.69 -24.89 -6.63
CA SER A 108 -7.15 -26.14 -7.10
C SER A 108 -5.87 -25.91 -7.89
N GLU A 109 -5.38 -24.68 -7.88
CA GLU A 109 -4.16 -24.33 -8.59
C GLU A 109 -2.95 -24.33 -7.66
N GLY A 110 -3.17 -24.67 -6.40
CA GLY A 110 -2.07 -24.71 -5.45
C GLY A 110 -1.78 -23.42 -4.72
N HIS A 111 -2.78 -22.55 -4.60
CA HIS A 111 -2.59 -21.29 -3.89
C HIS A 111 -3.86 -20.85 -3.19
N LEU A 112 -3.71 -19.91 -2.25
CA LEU A 112 -4.87 -19.38 -1.54
C LEU A 112 -5.21 -18.05 -2.20
N TYR A 113 -6.50 -17.86 -2.47
CA TYR A 113 -6.98 -16.63 -3.09
C TYR A 113 -7.69 -15.85 -2.00
N VAL A 114 -7.19 -14.65 -1.73
CA VAL A 114 -7.73 -13.79 -0.67
C VAL A 114 -8.29 -12.45 -1.17
N VAL A 115 -9.44 -12.08 -0.63
CA VAL A 115 -10.08 -10.81 -0.96
C VAL A 115 -10.35 -10.08 0.34
N SER A 116 -9.86 -8.85 0.47
CA SER A 116 -10.06 -8.06 1.67
C SER A 116 -10.45 -6.61 1.34
N ASN A 117 -10.81 -5.84 2.36
CA ASN A 117 -11.27 -4.48 2.17
C ASN A 117 -10.37 -3.44 1.52
N ALA A 118 -10.97 -2.62 0.67
CA ALA A 118 -10.26 -1.56 -0.03
C ALA A 118 -9.68 -0.57 0.96
N GLY A 119 -10.47 -0.23 1.98
CA GLY A 119 -10.03 0.72 2.98
C GLY A 119 -8.95 0.22 3.92
N CYS A 120 -8.63 -1.06 3.85
CA CYS A 120 -7.60 -1.64 4.71
C CYS A 120 -6.48 -2.27 3.90
N TRP A 121 -6.40 -1.96 2.61
CA TRP A 121 -5.38 -2.59 1.79
C TRP A 121 -3.93 -2.36 2.21
N GLU A 122 -3.61 -1.15 2.67
CA GLU A 122 -2.23 -0.87 3.09
C GLU A 122 -1.89 -1.70 4.32
N LYS A 123 -2.80 -1.68 5.30
CA LYS A 123 -2.64 -2.43 6.55
C LYS A 123 -2.55 -3.93 6.30
N ASP A 124 -3.51 -4.46 5.56
CA ASP A 124 -3.56 -5.90 5.27
C ASP A 124 -2.38 -6.38 4.45
N LEU A 125 -2.02 -5.65 3.41
CA LEU A 125 -0.90 -6.06 2.58
C LEU A 125 0.39 -6.09 3.41
N ALA A 126 0.62 -5.06 4.21
CA ALA A 126 1.82 -4.98 5.04
C ALA A 126 1.85 -6.14 6.03
N LEU A 127 0.68 -6.46 6.60
CA LEU A 127 0.57 -7.54 7.57
C LEU A 127 0.96 -8.86 6.95
N MET A 128 0.44 -9.14 5.76
CA MET A 128 0.77 -10.38 5.09
C MET A 128 2.22 -10.41 4.64
N GLN A 129 2.72 -9.26 4.16
CA GLN A 129 4.11 -9.17 3.73
C GLN A 129 5.04 -9.44 4.91
N ASP A 130 4.73 -8.86 6.07
CA ASP A 130 5.55 -9.06 7.25
C ASP A 130 5.62 -10.53 7.63
N LYS A 131 4.50 -11.24 7.53
CA LYS A 131 4.48 -12.66 7.87
C LYS A 131 5.25 -13.48 6.86
N VAL A 132 5.11 -13.13 5.59
CA VAL A 132 5.85 -13.81 4.53
C VAL A 132 7.34 -13.66 4.81
N ARG A 133 7.77 -12.43 5.09
CA ARG A 133 9.17 -12.13 5.38
C ARG A 133 9.67 -12.95 6.57
N GLU A 134 8.84 -13.02 7.60
CA GLU A 134 9.17 -13.76 8.81
C GLU A 134 9.41 -15.23 8.51
N LEU A 135 8.50 -15.84 7.77
CA LEU A 135 8.60 -17.25 7.42
C LEU A 135 9.75 -17.56 6.46
N GLN A 136 10.00 -16.68 5.50
CA GLN A 136 11.08 -16.88 4.55
C GLN A 136 12.42 -16.84 5.29
N ASN A 137 12.51 -16.00 6.31
CA ASN A 137 13.74 -15.88 7.08
C ASN A 137 13.98 -17.14 7.90
N GLN A 138 12.93 -17.93 8.09
CA GLN A 138 13.03 -19.17 8.85
C GLN A 138 13.25 -20.34 7.88
N GLY A 139 13.47 -20.01 6.61
CA GLY A 139 13.70 -21.03 5.61
C GLY A 139 12.47 -21.67 5.00
N ARG A 140 11.29 -21.19 5.36
CA ARG A 140 10.04 -21.75 4.86
C ARG A 140 9.73 -21.29 3.43
N ASP A 141 8.84 -22.02 2.76
CA ASP A 141 8.45 -21.72 1.39
C ASP A 141 7.09 -21.04 1.32
N VAL A 142 7.08 -19.73 1.08
CA VAL A 142 5.84 -19.00 0.98
C VAL A 142 6.07 -17.68 0.23
N GLY A 143 5.02 -17.19 -0.41
CA GLY A 143 5.11 -15.94 -1.15
C GLY A 143 3.73 -15.34 -1.34
N LEU A 144 3.70 -14.09 -1.78
CA LEU A 144 2.44 -13.41 -2.00
C LEU A 144 2.45 -12.61 -3.29
N GLU A 145 1.29 -12.55 -3.95
CA GLU A 145 1.14 -11.81 -5.19
C GLU A 145 -0.09 -10.92 -5.10
N VAL A 146 0.06 -9.65 -5.48
CA VAL A 146 -1.08 -8.76 -5.48
C VAL A 146 -1.66 -8.87 -6.88
N LEU A 147 -2.95 -9.20 -6.98
CA LEU A 147 -3.60 -9.35 -8.27
C LEU A 147 -4.09 -8.02 -8.83
N ASP A 148 -4.13 -7.89 -10.15
CA ASP A 148 -4.58 -6.65 -10.77
C ASP A 148 -5.98 -6.75 -11.39
N ASN A 149 -6.57 -7.94 -11.32
CA ASN A 149 -7.91 -8.18 -11.85
C ASN A 149 -8.97 -7.21 -11.32
N ALA A 150 -10.00 -6.98 -12.13
CA ALA A 150 -11.10 -6.14 -11.70
C ALA A 150 -11.97 -7.13 -10.92
N LEU A 151 -13.00 -6.65 -10.24
CA LEU A 151 -13.87 -7.53 -9.46
C LEU A 151 -15.30 -7.01 -9.52
N LEU A 152 -16.20 -7.86 -9.99
CA LEU A 152 -17.61 -7.50 -10.12
C LEU A 152 -18.50 -8.41 -9.29
N ALA A 153 -19.53 -7.83 -8.69
CA ALA A 153 -20.46 -8.61 -7.89
C ALA A 153 -21.86 -8.52 -8.49
N LEU A 154 -22.43 -9.68 -8.84
CA LEU A 154 -23.78 -9.74 -9.39
C LEU A 154 -24.59 -10.42 -8.31
N GLN A 155 -25.55 -9.69 -7.74
CA GLN A 155 -26.33 -10.19 -6.62
C GLN A 155 -27.85 -10.13 -6.80
N GLY A 156 -28.53 -11.17 -6.34
CA GLY A 156 -29.98 -11.20 -6.43
C GLY A 156 -30.49 -12.57 -6.83
N PRO A 157 -31.80 -12.81 -6.72
CA PRO A 157 -32.39 -14.10 -7.08
C PRO A 157 -32.20 -14.55 -8.53
N THR A 158 -31.93 -13.61 -9.43
CA THR A 158 -31.72 -13.98 -10.84
C THR A 158 -30.28 -13.78 -11.29
N ALA A 159 -29.38 -13.53 -10.36
CA ALA A 159 -27.97 -13.32 -10.69
C ALA A 159 -27.37 -14.55 -11.39
N ALA A 160 -27.62 -15.72 -10.81
CA ALA A 160 -27.09 -16.98 -11.35
C ALA A 160 -27.54 -17.23 -12.78
N GLN A 161 -28.82 -17.08 -13.07
CA GLN A 161 -29.31 -17.32 -14.42
C GLN A 161 -28.73 -16.33 -15.41
N VAL A 162 -28.49 -15.10 -14.96
CA VAL A 162 -27.92 -14.09 -15.84
C VAL A 162 -26.51 -14.51 -16.27
N LEU A 163 -25.72 -14.95 -15.30
CA LEU A 163 -24.35 -15.36 -15.59
C LEU A 163 -24.30 -16.67 -16.38
N GLN A 164 -25.27 -17.55 -16.13
CA GLN A 164 -25.31 -18.84 -16.82
C GLN A 164 -25.26 -18.72 -18.34
N ALA A 165 -25.88 -17.68 -18.88
CA ALA A 165 -25.88 -17.47 -20.33
C ALA A 165 -24.47 -17.19 -20.86
N GLY A 166 -23.55 -16.88 -19.94
CA GLY A 166 -22.19 -16.58 -20.35
C GLY A 166 -21.13 -17.60 -19.96
N VAL A 167 -21.54 -18.71 -19.37
CA VAL A 167 -20.57 -19.73 -18.97
C VAL A 167 -21.01 -21.14 -19.35
N ALA A 168 -20.04 -21.99 -19.67
CA ALA A 168 -20.32 -23.36 -20.07
C ALA A 168 -20.66 -24.21 -18.84
N ASP A 169 -20.00 -23.91 -17.73
CA ASP A 169 -20.20 -24.64 -16.48
C ASP A 169 -21.65 -24.53 -16.00
N ASP A 170 -22.18 -25.61 -15.42
CA ASP A 170 -23.52 -25.58 -14.88
C ASP A 170 -23.34 -24.97 -13.49
N LEU A 171 -23.84 -23.75 -13.30
CA LEU A 171 -23.68 -23.06 -12.02
C LEU A 171 -24.35 -23.74 -10.84
N ARG A 172 -25.22 -24.71 -11.10
CA ARG A 172 -25.88 -25.43 -10.01
C ARG A 172 -24.83 -26.22 -9.24
N LYS A 173 -23.69 -26.43 -9.87
CA LYS A 173 -22.59 -27.16 -9.24
C LYS A 173 -21.68 -26.22 -8.47
N LEU A 174 -22.05 -24.94 -8.39
CA LEU A 174 -21.24 -23.96 -7.69
C LEU A 174 -22.00 -23.44 -6.47
N PRO A 175 -22.03 -24.23 -5.39
CA PRO A 175 -22.72 -23.88 -4.13
C PRO A 175 -22.08 -22.68 -3.45
N PHE A 176 -22.83 -22.09 -2.52
CA PHE A 176 -22.39 -20.94 -1.74
C PHE A 176 -21.00 -21.18 -1.16
N MET A 177 -20.12 -20.21 -1.39
CA MET A 177 -18.74 -20.23 -0.90
C MET A 177 -17.76 -21.12 -1.65
N THR A 178 -18.16 -21.64 -2.81
CA THR A 178 -17.25 -22.44 -3.62
C THR A 178 -16.94 -21.59 -4.84
N SER A 179 -15.86 -21.89 -5.53
CA SER A 179 -15.48 -21.12 -6.71
C SER A 179 -14.81 -21.98 -7.76
N ALA A 180 -14.57 -21.38 -8.93
CA ALA A 180 -13.93 -22.09 -10.03
C ALA A 180 -13.48 -21.10 -11.08
N VAL A 181 -12.46 -21.49 -11.85
CA VAL A 181 -11.96 -20.65 -12.92
C VAL A 181 -12.74 -21.01 -14.19
N MET A 182 -13.30 -20.01 -14.85
CA MET A 182 -14.05 -20.27 -16.07
C MET A 182 -14.03 -19.08 -17.02
N GLU A 183 -14.40 -19.36 -18.27
CA GLU A 183 -14.47 -18.32 -19.29
C GLU A 183 -15.86 -17.70 -19.16
N VAL A 184 -15.90 -16.38 -18.97
CA VAL A 184 -17.19 -15.70 -18.79
C VAL A 184 -17.44 -14.70 -19.90
N PHE A 185 -18.52 -14.92 -20.64
CA PHE A 185 -18.89 -14.08 -21.76
C PHE A 185 -17.69 -13.80 -22.66
N GLY A 186 -16.95 -14.86 -22.96
CA GLY A 186 -15.79 -14.73 -23.83
C GLY A 186 -14.47 -14.36 -23.18
N VAL A 187 -14.50 -13.98 -21.90
CA VAL A 187 -13.28 -13.60 -21.20
C VAL A 187 -12.71 -14.79 -20.45
N SER A 188 -11.54 -15.25 -20.88
CA SER A 188 -10.88 -16.39 -20.26
C SER A 188 -10.16 -16.02 -18.97
N GLY A 189 -9.95 -17.02 -18.12
CA GLY A 189 -9.24 -16.80 -16.88
C GLY A 189 -9.95 -16.07 -15.75
N CYS A 190 -11.28 -16.09 -15.76
CA CYS A 190 -12.03 -15.43 -14.69
C CYS A 190 -12.26 -16.41 -13.56
N ARG A 191 -12.34 -15.91 -12.33
CA ARG A 191 -12.64 -16.77 -11.21
C ARG A 191 -14.02 -16.37 -10.74
N VAL A 192 -14.93 -17.33 -10.68
CA VAL A 192 -16.28 -17.08 -10.25
C VAL A 192 -16.48 -17.69 -8.86
N THR A 193 -16.89 -16.86 -7.92
CA THR A 193 -17.11 -17.34 -6.56
C THR A 193 -18.57 -17.11 -6.18
N ARG A 194 -19.19 -18.12 -5.56
CA ARG A 194 -20.59 -18.01 -5.15
C ARG A 194 -20.59 -17.33 -3.78
N CYS A 195 -20.57 -15.99 -3.79
CA CYS A 195 -20.56 -15.24 -2.54
C CYS A 195 -21.14 -13.85 -2.77
N GLY A 196 -21.14 -13.03 -1.72
CA GLY A 196 -21.69 -11.69 -1.85
C GLY A 196 -21.74 -10.94 -0.53
N TYR A 197 -22.33 -9.74 -0.58
CA TYR A 197 -22.44 -8.88 0.60
C TYR A 197 -23.87 -8.33 0.67
N THR A 198 -24.82 -9.13 0.21
CA THR A 198 -26.22 -8.71 0.16
C THR A 198 -27.22 -9.63 0.86
N GLY A 199 -26.81 -10.85 1.19
CA GLY A 199 -27.73 -11.78 1.83
C GLY A 199 -28.51 -12.56 0.78
N GLU A 200 -28.41 -12.14 -0.47
CA GLU A 200 -29.09 -12.83 -1.57
C GLU A 200 -28.12 -13.83 -2.19
N ASP A 201 -28.63 -14.65 -3.11
CA ASP A 201 -27.75 -15.59 -3.80
C ASP A 201 -26.95 -14.63 -4.69
N GLY A 202 -25.79 -15.06 -5.16
CA GLY A 202 -25.00 -14.19 -6.00
C GLY A 202 -23.61 -14.72 -6.27
N VAL A 203 -22.88 -14.01 -7.13
CA VAL A 203 -21.53 -14.39 -7.48
C VAL A 203 -20.63 -13.16 -7.52
N GLU A 204 -19.33 -13.40 -7.39
CA GLU A 204 -18.34 -12.35 -7.49
C GLU A 204 -17.42 -12.85 -8.59
N ILE A 205 -17.07 -11.97 -9.52
CA ILE A 205 -16.21 -12.38 -10.61
C ILE A 205 -14.91 -11.60 -10.67
N SER A 206 -13.80 -12.32 -10.52
CA SER A 206 -12.48 -11.71 -10.60
C SER A 206 -12.17 -11.80 -12.09
N VAL A 207 -12.14 -10.65 -12.77
CA VAL A 207 -11.92 -10.65 -14.20
C VAL A 207 -10.73 -9.82 -14.67
N PRO A 208 -9.93 -10.37 -15.60
CA PRO A 208 -8.76 -9.63 -16.11
C PRO A 208 -9.26 -8.28 -16.61
N VAL A 209 -8.53 -7.23 -16.26
CA VAL A 209 -8.93 -5.88 -16.65
C VAL A 209 -9.28 -5.69 -18.13
N ALA A 210 -8.50 -6.30 -19.01
CA ALA A 210 -8.74 -6.17 -20.45
C ALA A 210 -10.17 -6.55 -20.86
N GLY A 211 -10.81 -7.41 -20.09
CA GLY A 211 -12.16 -7.83 -20.41
C GLY A 211 -13.23 -7.37 -19.45
N ALA A 212 -12.84 -6.54 -18.48
CA ALA A 212 -13.76 -6.04 -17.46
C ALA A 212 -14.97 -5.29 -18.01
N VAL A 213 -14.75 -4.31 -18.87
CA VAL A 213 -15.86 -3.54 -19.43
C VAL A 213 -16.76 -4.43 -20.28
N HIS A 214 -16.17 -5.28 -21.11
CA HIS A 214 -16.94 -6.19 -21.95
C HIS A 214 -17.86 -7.05 -21.08
N LEU A 215 -17.32 -7.58 -20.00
CA LEU A 215 -18.08 -8.43 -19.09
C LEU A 215 -19.20 -7.66 -18.42
N ALA A 216 -18.90 -6.46 -17.93
CA ALA A 216 -19.90 -5.63 -17.26
C ALA A 216 -21.06 -5.31 -18.21
N THR A 217 -20.73 -4.94 -19.44
CA THR A 217 -21.74 -4.62 -20.44
C THR A 217 -22.57 -5.84 -20.82
N ALA A 218 -21.92 -6.98 -20.98
CA ALA A 218 -22.61 -8.23 -21.34
C ALA A 218 -23.63 -8.59 -20.28
N ILE A 219 -23.27 -8.42 -19.01
CA ILE A 219 -24.17 -8.73 -17.90
C ILE A 219 -25.30 -7.69 -17.82
N LEU A 220 -24.94 -6.41 -17.92
CA LEU A 220 -25.94 -5.34 -17.83
C LEU A 220 -26.99 -5.38 -18.95
N LYS A 221 -26.65 -5.94 -20.10
CA LYS A 221 -27.58 -6.02 -21.22
C LYS A 221 -28.83 -6.83 -20.88
N ASN A 222 -28.71 -7.76 -19.94
CA ASN A 222 -29.86 -8.57 -19.55
C ASN A 222 -30.86 -7.69 -18.80
N PRO A 223 -32.13 -7.73 -19.23
CA PRO A 223 -33.21 -6.94 -18.61
C PRO A 223 -33.33 -7.11 -17.10
N GLU A 224 -32.89 -8.25 -16.59
CA GLU A 224 -32.95 -8.54 -15.16
C GLU A 224 -31.98 -7.68 -14.36
N VAL A 225 -30.92 -7.22 -15.03
CA VAL A 225 -29.87 -6.46 -14.37
C VAL A 225 -29.91 -4.94 -14.41
N LYS A 226 -29.56 -4.34 -13.27
CA LYS A 226 -29.44 -2.90 -13.13
C LYS A 226 -28.20 -2.67 -12.27
N LEU A 227 -27.50 -1.58 -12.52
CA LEU A 227 -26.31 -1.25 -11.74
C LEU A 227 -26.75 -0.79 -10.36
N ALA A 228 -25.91 -1.02 -9.35
CA ALA A 228 -26.22 -0.61 -7.98
C ALA A 228 -25.00 0.07 -7.36
N GLY A 229 -25.24 1.17 -6.66
CA GLY A 229 -24.16 1.93 -6.06
C GLY A 229 -23.93 1.67 -4.59
N LEU A 230 -23.12 2.54 -3.99
CA LEU A 230 -22.74 2.44 -2.58
C LEU A 230 -23.90 2.49 -1.58
N ALA A 231 -24.87 3.38 -1.80
CA ALA A 231 -26.00 3.50 -0.89
C ALA A 231 -26.81 2.21 -0.78
N ALA A 232 -27.16 1.62 -1.92
CA ALA A 232 -27.91 0.37 -1.93
C ALA A 232 -27.06 -0.75 -1.34
N ARG A 233 -25.77 -0.74 -1.64
CA ARG A 233 -24.86 -1.76 -1.12
C ARG A 233 -24.89 -1.73 0.41
N ASP A 234 -24.97 -0.54 0.98
CA ASP A 234 -24.99 -0.42 2.43
C ASP A 234 -26.31 -0.87 3.05
N SER A 235 -27.43 -0.47 2.46
CA SER A 235 -28.74 -0.86 3.01
C SER A 235 -28.95 -2.36 2.87
N LEU A 236 -28.45 -2.94 1.79
CA LEU A 236 -28.58 -4.37 1.57
C LEU A 236 -27.77 -5.18 2.57
N ARG A 237 -26.52 -4.82 2.78
CA ARG A 237 -25.68 -5.56 3.72
C ARG A 237 -26.18 -5.42 5.16
N LEU A 238 -26.69 -4.23 5.50
CA LEU A 238 -27.20 -4.00 6.84
C LEU A 238 -28.41 -4.89 7.12
N GLU A 239 -29.36 -4.96 6.18
CA GLU A 239 -30.53 -5.82 6.36
C GLU A 239 -30.07 -7.27 6.53
N ALA A 240 -29.01 -7.63 5.83
CA ALA A 240 -28.50 -9.00 5.90
C ALA A 240 -27.68 -9.26 7.16
N GLY A 241 -27.57 -8.25 8.02
CA GLY A 241 -26.83 -8.39 9.26
C GLY A 241 -25.32 -8.51 9.10
N LEU A 242 -24.80 -8.03 7.98
CA LEU A 242 -23.37 -8.10 7.70
C LEU A 242 -22.62 -6.87 8.23
N CYS A 243 -21.47 -7.12 8.84
CA CYS A 243 -20.66 -6.04 9.38
C CYS A 243 -19.95 -5.21 8.32
N LEU A 244 -19.69 -3.95 8.66
CA LEU A 244 -18.96 -3.04 7.79
C LEU A 244 -17.74 -2.66 8.63
N TYR A 245 -16.56 -3.12 8.23
CA TYR A 245 -15.35 -2.82 8.98
C TYR A 245 -15.16 -1.31 9.06
N GLY A 246 -14.76 -0.83 10.23
CA GLY A 246 -14.56 0.59 10.42
C GLY A 246 -15.80 1.19 11.06
N ASN A 247 -16.93 0.50 10.91
CA ASN A 247 -18.18 0.96 11.51
C ASN A 247 -18.61 0.04 12.66
N ASP A 248 -18.98 -1.18 12.33
CA ASP A 248 -19.47 -2.14 13.31
C ASP A 248 -18.40 -2.97 14.03
N ILE A 249 -17.23 -3.06 13.43
CA ILE A 249 -16.11 -3.78 14.04
C ILE A 249 -14.83 -3.05 13.68
N ASP A 250 -13.83 -3.18 14.54
CA ASP A 250 -12.52 -2.57 14.31
C ASP A 250 -11.52 -3.21 15.24
N GLU A 251 -10.32 -2.65 15.31
CA GLU A 251 -9.29 -3.23 16.15
C GLU A 251 -9.62 -3.21 17.65
N HIS A 252 -10.66 -2.47 18.02
CA HIS A 252 -11.07 -2.39 19.41
C HIS A 252 -12.25 -3.32 19.73
N THR A 253 -12.58 -4.22 18.80
CA THR A 253 -13.66 -5.17 19.00
C THR A 253 -13.17 -6.58 18.65
N THR A 254 -13.41 -7.55 19.53
CA THR A 254 -13.00 -8.93 19.26
C THR A 254 -14.14 -9.59 18.50
N PRO A 255 -13.90 -10.80 17.96
CA PRO A 255 -14.95 -11.51 17.22
C PRO A 255 -16.15 -11.85 18.13
N VAL A 256 -15.90 -11.96 19.43
CA VAL A 256 -16.97 -12.27 20.37
C VAL A 256 -17.84 -11.03 20.61
N GLU A 257 -17.21 -9.91 20.89
CA GLU A 257 -17.96 -8.68 21.10
C GLU A 257 -18.74 -8.35 19.82
N GLY A 258 -18.10 -8.60 18.68
CA GLY A 258 -18.73 -8.32 17.39
C GLY A 258 -19.78 -9.32 16.95
N SER A 259 -20.12 -10.28 17.80
CA SER A 259 -21.11 -11.29 17.46
C SER A 259 -20.72 -12.01 16.17
N LEU A 260 -19.45 -12.40 16.10
CA LEU A 260 -18.91 -13.09 14.96
C LEU A 260 -18.18 -14.35 15.44
N SER A 261 -18.65 -14.91 16.55
CA SER A 261 -18.00 -16.09 17.10
C SER A 261 -18.01 -17.25 16.10
N TRP A 262 -18.99 -17.24 15.20
CA TRP A 262 -19.09 -18.30 14.20
C TRP A 262 -17.91 -18.32 13.21
N THR A 263 -17.16 -17.22 13.10
CA THR A 263 -16.03 -17.19 12.18
C THR A 263 -14.86 -18.03 12.68
N LEU A 264 -14.81 -18.29 13.98
CA LEU A 264 -13.72 -19.08 14.54
C LEU A 264 -13.85 -20.51 14.01
N GLY A 265 -12.76 -21.04 13.46
CA GLY A 265 -12.79 -22.39 12.93
C GLY A 265 -13.18 -23.42 13.97
N LYS A 266 -14.00 -24.39 13.56
CA LYS A 266 -14.47 -25.43 14.47
C LYS A 266 -13.32 -26.10 15.23
N ARG A 267 -12.35 -26.60 14.47
CA ARG A 267 -11.19 -27.27 15.05
C ARG A 267 -10.37 -26.36 15.95
N ARG A 268 -10.07 -25.16 15.45
CA ARG A 268 -9.25 -24.21 16.20
C ARG A 268 -9.94 -23.63 17.43
N ARG A 269 -11.27 -23.47 17.36
CA ARG A 269 -12.02 -22.94 18.49
C ARG A 269 -11.94 -23.92 19.66
N ALA A 270 -12.19 -25.20 19.38
CA ALA A 270 -12.15 -26.23 20.41
C ALA A 270 -10.74 -26.43 20.98
N ALA A 271 -9.74 -26.19 20.16
CA ALA A 271 -8.35 -26.34 20.61
C ALA A 271 -7.80 -25.04 21.19
N MET A 272 -8.59 -23.98 21.11
CA MET A 272 -8.16 -22.66 21.60
C MET A 272 -6.84 -22.31 20.93
N ASP A 273 -6.73 -22.66 19.65
CA ASP A 273 -5.52 -22.42 18.88
C ASP A 273 -5.73 -21.48 17.70
N PHE A 274 -5.69 -20.17 17.98
CA PHE A 274 -5.88 -19.14 16.96
C PHE A 274 -5.41 -17.80 17.51
N PRO A 275 -5.05 -16.85 16.63
CA PRO A 275 -4.59 -15.54 17.07
C PRO A 275 -5.59 -14.78 17.94
N GLY A 276 -5.15 -14.39 19.13
CA GLY A 276 -5.99 -13.67 20.06
C GLY A 276 -6.78 -14.56 21.01
N ALA A 277 -6.54 -15.86 20.95
CA ALA A 277 -7.24 -16.82 21.80
C ALA A 277 -7.24 -16.50 23.30
N LYS A 278 -6.14 -15.95 23.81
CA LYS A 278 -6.08 -15.64 25.24
C LYS A 278 -7.15 -14.64 25.67
N VAL A 279 -7.55 -13.76 24.76
CA VAL A 279 -8.57 -12.76 25.07
C VAL A 279 -9.94 -13.26 24.66
N ILE A 280 -10.00 -13.92 23.51
CA ILE A 280 -11.25 -14.43 22.95
C ILE A 280 -11.91 -15.60 23.69
N VAL A 281 -11.13 -16.58 24.12
CA VAL A 281 -11.72 -17.73 24.81
C VAL A 281 -12.50 -17.37 26.07
N PRO A 282 -11.92 -16.55 26.96
CA PRO A 282 -12.64 -16.17 28.18
C PRO A 282 -13.97 -15.49 27.83
N GLN A 283 -13.98 -14.73 26.73
CA GLN A 283 -15.19 -14.03 26.30
C GLN A 283 -16.22 -15.04 25.79
N LEU A 284 -15.76 -16.05 25.06
CA LEU A 284 -16.66 -17.08 24.53
C LEU A 284 -17.40 -17.77 25.67
N LYS A 285 -16.72 -17.92 26.80
CA LYS A 285 -17.31 -18.56 27.97
C LYS A 285 -18.31 -17.68 28.71
N GLY A 286 -18.34 -16.40 28.36
CA GLY A 286 -19.29 -15.49 28.99
C GLY A 286 -18.75 -14.19 29.54
N ARG A 287 -17.45 -14.13 29.83
CA ARG A 287 -16.87 -12.92 30.38
C ARG A 287 -16.59 -11.90 29.27
N VAL A 288 -17.63 -11.19 28.87
CA VAL A 288 -17.53 -10.17 27.82
C VAL A 288 -18.49 -9.05 28.22
N GLN A 289 -18.07 -7.80 28.02
CA GLN A 289 -18.87 -6.65 28.42
C GLN A 289 -19.90 -6.09 27.45
N ARG A 290 -19.75 -6.37 26.17
CA ARG A 290 -20.71 -5.85 25.19
C ARG A 290 -20.90 -6.83 24.05
N ARG A 291 -21.96 -6.60 23.27
CA ARG A 291 -22.30 -7.46 22.16
C ARG A 291 -22.94 -6.64 21.05
N ARG A 292 -22.58 -6.93 19.80
CA ARG A 292 -23.18 -6.22 18.67
C ARG A 292 -24.57 -6.81 18.48
N VAL A 293 -25.57 -5.95 18.44
CA VAL A 293 -26.95 -6.42 18.26
C VAL A 293 -27.64 -5.63 17.16
N GLY A 294 -28.78 -6.14 16.72
CA GLY A 294 -29.55 -5.47 15.70
C GLY A 294 -30.65 -4.69 16.40
N LEU A 295 -31.01 -3.53 15.83
CA LEU A 295 -32.07 -2.69 16.41
C LEU A 295 -33.05 -2.27 15.31
N MET A 296 -34.32 -2.11 15.68
CA MET A 296 -35.34 -1.68 14.73
C MET A 296 -36.24 -0.63 15.38
N CYS A 297 -36.73 0.32 14.59
CA CYS A 297 -37.62 1.34 15.13
C CYS A 297 -38.44 2.02 14.04
N GLU A 298 -39.36 2.87 14.47
CA GLU A 298 -40.23 3.61 13.56
C GLU A 298 -39.66 5.03 13.45
N GLY A 299 -40.45 5.95 12.91
CA GLY A 299 -40.01 7.33 12.78
C GLY A 299 -38.74 7.51 11.95
N ALA A 300 -37.90 8.46 12.38
CA ALA A 300 -36.65 8.75 11.68
C ALA A 300 -35.63 7.63 11.92
N PRO A 301 -34.72 7.42 10.95
CA PRO A 301 -33.70 6.38 11.08
C PRO A 301 -32.60 6.62 12.11
N MET A 302 -32.21 5.54 12.78
CA MET A 302 -31.13 5.60 13.77
C MET A 302 -29.85 5.70 12.94
N ARG A 303 -28.90 6.51 13.39
CA ARG A 303 -27.64 6.70 12.66
C ARG A 303 -26.41 6.38 13.50
N ALA A 304 -25.31 6.12 12.82
CA ALA A 304 -24.04 5.82 13.48
C ALA A 304 -23.69 6.90 14.51
N HIS A 305 -23.10 6.47 15.62
CA HIS A 305 -22.67 7.35 16.70
C HIS A 305 -23.77 7.78 17.67
N SER A 306 -25.00 7.34 17.44
CA SER A 306 -26.10 7.70 18.32
C SER A 306 -26.12 6.89 19.60
N PRO A 307 -26.29 7.56 20.75
CA PRO A 307 -26.33 6.88 22.05
C PRO A 307 -27.51 5.93 22.19
N ILE A 308 -27.29 4.82 22.89
CA ILE A 308 -28.33 3.84 23.15
C ILE A 308 -28.49 3.84 24.68
N LEU A 309 -29.73 3.96 25.15
CA LEU A 309 -29.97 3.99 26.59
C LEU A 309 -31.02 2.98 27.01
N ASN A 310 -31.00 2.59 28.29
CA ASN A 310 -32.01 1.67 28.78
C ASN A 310 -33.21 2.54 29.17
N MET A 311 -34.24 1.92 29.73
CA MET A 311 -35.45 2.65 30.10
C MET A 311 -35.29 3.51 31.35
N GLU A 312 -34.16 3.38 32.03
CA GLU A 312 -33.91 4.13 33.26
C GLU A 312 -33.03 5.36 33.02
N GLY A 313 -32.89 5.76 31.77
CA GLY A 313 -32.09 6.94 31.44
C GLY A 313 -30.58 6.75 31.47
N THR A 314 -30.13 5.50 31.54
CA THR A 314 -28.68 5.24 31.56
C THR A 314 -28.15 4.88 30.18
N LYS A 315 -27.06 5.52 29.78
CA LYS A 315 -26.46 5.22 28.48
C LYS A 315 -25.74 3.87 28.59
N ILE A 316 -26.09 2.95 27.71
CA ILE A 316 -25.48 1.62 27.74
C ILE A 316 -24.69 1.27 26.48
N GLY A 317 -24.81 2.07 25.43
CA GLY A 317 -24.08 1.76 24.22
C GLY A 317 -24.17 2.80 23.13
N THR A 318 -23.80 2.41 21.93
CA THR A 318 -23.82 3.31 20.78
C THR A 318 -24.15 2.56 19.49
N VAL A 319 -24.85 3.25 18.59
CA VAL A 319 -25.20 2.70 17.29
C VAL A 319 -23.97 2.83 16.40
N THR A 320 -23.67 1.79 15.62
CA THR A 320 -22.49 1.84 14.75
C THR A 320 -22.85 1.98 13.27
N SER A 321 -24.05 1.53 12.90
CA SER A 321 -24.53 1.62 11.51
C SER A 321 -26.05 1.69 11.56
N GLY A 322 -26.64 2.41 10.61
CA GLY A 322 -28.09 2.50 10.57
C GLY A 322 -28.64 3.25 9.37
N CYS A 323 -29.78 2.78 8.87
CA CYS A 323 -30.43 3.41 7.74
C CYS A 323 -31.81 2.79 7.57
N PRO A 324 -32.67 3.43 6.77
CA PRO A 324 -34.01 2.87 6.57
C PRO A 324 -33.91 1.54 5.83
N SER A 325 -34.79 0.62 6.14
CA SER A 325 -34.82 -0.68 5.46
C SER A 325 -35.92 -0.64 4.41
N PRO A 326 -35.55 -0.62 3.12
CA PRO A 326 -36.58 -0.60 2.08
C PRO A 326 -37.43 -1.86 2.07
N SER A 327 -36.79 -3.00 2.33
CA SER A 327 -37.48 -4.29 2.33
C SER A 327 -38.49 -4.51 3.45
N LEU A 328 -38.26 -3.88 4.60
CA LEU A 328 -39.15 -4.05 5.73
C LEU A 328 -39.97 -2.80 6.08
N LYS A 329 -39.60 -1.68 5.48
CA LYS A 329 -40.28 -0.41 5.73
C LYS A 329 -40.19 -0.02 7.20
N LYS A 330 -39.01 -0.23 7.76
CA LYS A 330 -38.71 0.10 9.14
C LYS A 330 -37.25 0.55 9.15
N ASN A 331 -36.80 1.14 10.23
CA ASN A 331 -35.41 1.57 10.31
C ASN A 331 -34.65 0.46 11.01
N VAL A 332 -33.49 0.10 10.47
CA VAL A 332 -32.67 -0.95 11.05
C VAL A 332 -31.30 -0.37 11.42
N ALA A 333 -30.64 -1.00 12.38
CA ALA A 333 -29.33 -0.52 12.80
C ALA A 333 -28.57 -1.56 13.60
N MET A 334 -27.27 -1.33 13.74
CA MET A 334 -26.39 -2.21 14.51
C MET A 334 -25.77 -1.34 15.58
N GLY A 335 -25.54 -1.92 16.75
CA GLY A 335 -24.94 -1.18 17.84
C GLY A 335 -24.45 -2.11 18.92
N TYR A 336 -23.75 -1.53 19.91
CA TYR A 336 -23.24 -2.32 21.02
C TYR A 336 -23.99 -2.01 22.30
N VAL A 337 -24.36 -3.06 23.03
CA VAL A 337 -25.05 -2.93 24.31
C VAL A 337 -24.55 -4.04 25.24
N PRO A 338 -24.72 -3.86 26.55
CA PRO A 338 -24.26 -4.90 27.49
C PRO A 338 -25.01 -6.19 27.20
N CYS A 339 -24.40 -7.32 27.52
CA CYS A 339 -25.02 -8.62 27.27
C CYS A 339 -26.42 -8.80 27.84
N GLU A 340 -26.69 -8.25 29.01
CA GLU A 340 -28.01 -8.41 29.62
C GLU A 340 -29.13 -7.66 28.88
N TYR A 341 -28.77 -6.84 27.89
CA TYR A 341 -29.78 -6.12 27.11
C TYR A 341 -29.79 -6.59 25.67
N SER A 342 -29.06 -7.67 25.38
CA SER A 342 -28.94 -8.17 24.02
C SER A 342 -30.00 -9.17 23.55
N ARG A 343 -30.93 -9.56 24.41
CA ARG A 343 -31.94 -10.52 24.00
C ARG A 343 -32.97 -9.90 23.05
N PRO A 344 -33.22 -10.55 21.91
CA PRO A 344 -34.19 -10.03 20.95
C PRO A 344 -35.53 -9.76 21.65
N GLY A 345 -36.15 -8.63 21.36
CA GLY A 345 -37.41 -8.30 21.99
C GLY A 345 -37.23 -7.26 23.08
N THR A 346 -35.98 -7.03 23.50
CA THR A 346 -35.69 -6.05 24.52
C THR A 346 -35.96 -4.65 23.97
N MET A 347 -36.64 -3.82 24.76
CA MET A 347 -36.94 -2.45 24.35
C MET A 347 -35.87 -1.51 24.89
N LEU A 348 -35.40 -0.61 24.02
CA LEU A 348 -34.37 0.35 24.40
C LEU A 348 -34.68 1.71 23.77
N LEU A 349 -33.94 2.72 24.19
CA LEU A 349 -34.11 4.07 23.68
C LEU A 349 -32.87 4.47 22.88
N VAL A 350 -33.08 5.01 21.69
CA VAL A 350 -31.98 5.44 20.85
C VAL A 350 -32.17 6.90 20.49
N GLU A 351 -31.11 7.69 20.63
CA GLU A 351 -31.18 9.12 20.32
C GLU A 351 -31.18 9.33 18.81
N VAL A 352 -32.28 9.85 18.30
CA VAL A 352 -32.43 10.12 16.87
C VAL A 352 -32.78 11.59 16.71
N ARG A 353 -31.95 12.33 15.97
CA ARG A 353 -32.18 13.75 15.76
C ARG A 353 -32.40 14.49 17.07
N ARG A 354 -31.55 14.20 18.06
CA ARG A 354 -31.60 14.82 19.37
C ARG A 354 -32.80 14.44 20.26
N LYS A 355 -33.56 13.44 19.86
CA LYS A 355 -34.70 12.98 20.65
C LYS A 355 -34.67 11.46 20.78
N GLN A 356 -35.05 10.95 21.94
CA GLN A 356 -35.07 9.50 22.13
C GLN A 356 -36.23 8.90 21.35
N GLN A 357 -35.98 7.74 20.75
CA GLN A 357 -37.00 7.00 20.03
C GLN A 357 -36.96 5.59 20.59
N MET A 358 -38.13 4.98 20.74
CA MET A 358 -38.23 3.63 21.26
C MET A 358 -37.81 2.65 20.17
N ALA A 359 -36.92 1.72 20.52
CA ALA A 359 -36.42 0.73 19.57
C ALA A 359 -36.44 -0.65 20.19
N VAL A 360 -36.38 -1.68 19.35
CA VAL A 360 -36.39 -3.06 19.85
C VAL A 360 -35.18 -3.83 19.34
N VAL A 361 -34.58 -4.64 20.21
CA VAL A 361 -33.45 -5.45 19.82
C VAL A 361 -34.02 -6.56 18.96
N SER A 362 -33.40 -6.78 17.80
CA SER A 362 -33.87 -7.81 16.90
C SER A 362 -32.75 -8.74 16.47
N LYS A 363 -33.09 -10.01 16.29
CA LYS A 363 -32.10 -10.98 15.85
C LYS A 363 -31.75 -10.67 14.42
N MET A 364 -30.46 -10.79 14.07
CA MET A 364 -30.03 -10.53 12.72
C MET A 364 -29.78 -11.88 12.05
N PRO A 365 -29.91 -11.95 10.71
CA PRO A 365 -30.26 -10.88 9.77
C PRO A 365 -31.71 -10.39 9.91
N PHE A 366 -31.95 -9.14 9.55
CA PHE A 366 -33.31 -8.58 9.63
C PHE A 366 -34.12 -9.20 8.49
N VAL A 367 -33.46 -9.44 7.36
CA VAL A 367 -34.09 -10.05 6.21
C VAL A 367 -33.40 -11.39 5.98
N PRO A 368 -34.16 -12.50 6.04
CA PRO A 368 -33.58 -13.84 5.84
C PRO A 368 -32.73 -13.93 4.58
N THR A 369 -31.59 -14.60 4.69
CA THR A 369 -30.70 -14.77 3.56
C THR A 369 -31.23 -15.83 2.60
N ASN A 370 -30.79 -15.78 1.36
CA ASN A 370 -31.23 -16.73 0.33
C ASN A 370 -30.05 -17.36 -0.39
N TYR A 371 -29.05 -17.81 0.36
CA TYR A 371 -27.88 -18.44 -0.21
C TYR A 371 -28.24 -19.76 -0.89
N TYR A 372 -27.45 -20.13 -1.89
CA TYR A 372 -27.67 -21.38 -2.61
C TYR A 372 -26.77 -22.45 -2.03
N THR A 373 -27.36 -23.39 -1.31
CA THR A 373 -26.60 -24.48 -0.69
C THR A 373 -27.15 -25.83 -1.12
N LEU A 374 -26.31 -26.86 -1.08
CA LEU A 374 -26.73 -28.21 -1.48
C LEU A 374 -27.40 -28.93 -0.31
N VAL B 4 3.03 -0.95 16.10
CA VAL B 4 4.04 -2.05 15.97
C VAL B 4 4.91 -1.80 14.74
N LEU B 5 6.20 -1.58 14.95
CA LEU B 5 7.10 -1.33 13.83
C LEU B 5 7.40 -2.58 13.01
N ARG B 6 7.49 -2.39 11.69
CA ARG B 6 7.79 -3.50 10.79
C ARG B 6 9.29 -3.78 10.92
N ARG B 7 9.67 -5.04 10.74
CA ARG B 7 11.06 -5.43 10.87
C ARG B 7 11.67 -5.97 9.57
N THR B 8 12.86 -5.49 9.24
CA THR B 8 13.56 -5.98 8.05
C THR B 8 14.16 -7.31 8.48
N PRO B 9 14.70 -8.10 7.53
CA PRO B 9 15.30 -9.39 7.90
C PRO B 9 16.52 -9.26 8.81
N LEU B 10 17.10 -8.06 8.87
CA LEU B 10 18.28 -7.83 9.69
C LEU B 10 17.99 -7.27 11.09
N TYR B 11 16.71 -7.30 11.49
CA TYR B 11 16.31 -6.78 12.79
C TYR B 11 17.24 -7.27 13.91
N ASP B 12 17.35 -8.59 14.08
CA ASP B 12 18.21 -9.15 15.11
C ASP B 12 19.67 -8.80 14.89
N PHE B 13 20.09 -8.86 13.62
CA PHE B 13 21.45 -8.54 13.24
C PHE B 13 21.80 -7.16 13.80
N HIS B 14 20.91 -6.19 13.59
CA HIS B 14 21.14 -4.84 14.10
C HIS B 14 21.26 -4.81 15.62
N LEU B 15 20.35 -5.51 16.30
CA LEU B 15 20.35 -5.54 17.76
C LEU B 15 21.60 -6.17 18.36
N ALA B 16 22.17 -7.17 17.68
CA ALA B 16 23.37 -7.82 18.18
C ALA B 16 24.60 -6.97 17.93
N HIS B 17 24.53 -6.06 16.97
CA HIS B 17 25.66 -5.21 16.64
C HIS B 17 25.60 -3.81 17.25
N GLY B 18 24.79 -3.65 18.28
CA GLY B 18 24.68 -2.37 18.96
C GLY B 18 23.77 -1.34 18.32
N GLY B 19 22.85 -1.79 17.46
CA GLY B 19 21.96 -0.87 16.79
C GLY B 19 20.92 -0.21 17.69
N LYS B 20 20.87 1.12 17.65
CA LYS B 20 19.92 1.89 18.44
C LYS B 20 18.69 2.09 17.56
N MET B 21 17.73 1.19 17.71
CA MET B 21 16.52 1.21 16.90
C MET B 21 15.56 2.36 17.13
N VAL B 22 15.06 2.91 16.02
CA VAL B 22 14.09 4.01 16.05
C VAL B 22 13.04 3.77 14.97
N ALA B 23 11.97 4.54 15.03
CA ALA B 23 10.90 4.43 14.05
C ALA B 23 11.25 5.24 12.82
N PHE B 24 11.13 4.63 11.65
CA PHE B 24 11.41 5.32 10.40
C PHE B 24 10.43 4.79 9.35
N ALA B 25 9.47 5.62 8.98
CA ALA B 25 8.48 5.24 7.99
C ALA B 25 7.74 3.96 8.39
N GLY B 26 7.52 3.80 9.68
CA GLY B 26 6.81 2.62 10.16
C GLY B 26 7.66 1.39 10.36
N TRP B 27 8.97 1.50 10.11
CA TRP B 27 9.89 0.38 10.29
C TRP B 27 10.84 0.64 11.46
N SER B 28 11.46 -0.43 11.94
CA SER B 28 12.41 -0.32 13.05
C SER B 28 13.80 -0.40 12.44
N LEU B 29 14.54 0.71 12.47
CA LEU B 29 15.88 0.76 11.91
C LEU B 29 16.84 1.50 12.83
N PRO B 30 18.13 1.15 12.79
CA PRO B 30 19.13 1.80 13.64
C PRO B 30 19.49 3.21 13.20
N VAL B 31 19.39 4.16 14.13
CA VAL B 31 19.73 5.54 13.82
C VAL B 31 21.25 5.63 13.81
N GLN B 32 21.88 4.69 14.52
CA GLN B 32 23.34 4.59 14.61
C GLN B 32 23.65 3.36 15.46
N TYR B 33 24.92 2.99 15.52
CA TYR B 33 25.31 1.84 16.33
C TYR B 33 26.17 2.32 17.49
N ARG B 34 27.27 1.64 17.78
CA ARG B 34 28.11 2.05 18.89
C ARG B 34 28.92 3.31 18.56
N ASP B 35 29.48 3.37 17.37
CA ASP B 35 30.26 4.54 16.95
C ASP B 35 29.34 5.72 16.73
N SER B 36 29.82 6.92 17.01
CA SER B 36 29.03 8.14 16.83
C SER B 36 28.69 8.21 15.35
N HIS B 37 27.59 8.85 15.01
CA HIS B 37 27.21 8.93 13.60
C HIS B 37 28.23 9.74 12.79
N THR B 38 28.94 10.66 13.44
CA THR B 38 29.95 11.45 12.73
C THR B 38 31.14 10.57 12.38
N ASP B 39 31.53 9.68 13.27
CA ASP B 39 32.65 8.77 13.00
C ASP B 39 32.26 7.75 11.93
N SER B 40 31.01 7.30 11.98
CA SER B 40 30.49 6.34 11.01
C SER B 40 30.51 6.99 9.63
N HIS B 41 30.17 8.28 9.60
CA HIS B 41 30.15 9.06 8.37
C HIS B 41 31.56 9.10 7.78
N LEU B 42 32.54 9.49 8.59
CA LEU B 42 33.92 9.57 8.15
C LEU B 42 34.44 8.20 7.71
N HIS B 43 34.02 7.16 8.42
CA HIS B 43 34.45 5.81 8.06
C HIS B 43 34.00 5.46 6.65
N THR B 44 32.77 5.83 6.33
CA THR B 44 32.20 5.53 5.02
C THR B 44 33.00 6.12 3.86
N ARG B 45 33.52 7.34 4.03
CA ARG B 45 34.28 7.96 2.96
C ARG B 45 35.74 7.51 2.90
N GLN B 46 36.19 6.77 3.91
CA GLN B 46 37.58 6.29 3.92
C GLN B 46 37.70 4.80 3.65
N HIS B 47 36.68 4.04 4.04
CA HIS B 47 36.66 2.59 3.85
C HIS B 47 35.31 2.25 3.21
N CYS B 48 34.41 1.68 3.99
CA CYS B 48 33.08 1.37 3.50
C CYS B 48 32.14 0.96 4.63
N SER B 49 30.86 1.27 4.46
CA SER B 49 29.86 0.96 5.47
C SER B 49 28.72 0.19 4.85
N LEU B 50 28.03 -0.59 5.68
CA LEU B 50 26.90 -1.38 5.25
C LEU B 50 25.60 -0.78 5.79
N PHE B 51 24.67 -0.49 4.90
CA PHE B 51 23.38 0.09 5.29
C PHE B 51 22.25 -0.88 4.97
N ASP B 52 21.24 -0.93 5.84
CA ASP B 52 20.09 -1.78 5.61
C ASP B 52 18.99 -0.88 5.04
N VAL B 53 18.61 -1.12 3.78
CA VAL B 53 17.56 -0.34 3.15
C VAL B 53 16.47 -1.28 2.65
N SER B 54 16.24 -2.36 3.39
CA SER B 54 15.25 -3.37 3.05
C SER B 54 13.80 -2.87 3.14
N HIS B 55 13.61 -1.68 3.68
CA HIS B 55 12.27 -1.12 3.81
C HIS B 55 11.83 -0.41 2.54
N MET B 56 12.77 -0.21 1.61
CA MET B 56 12.46 0.46 0.34
C MET B 56 11.54 -0.42 -0.50
N LEU B 57 10.69 0.19 -1.31
CA LEU B 57 9.79 -0.57 -2.16
C LEU B 57 10.53 -1.04 -3.40
N GLN B 58 10.49 -2.35 -3.63
CA GLN B 58 11.14 -2.94 -4.81
C GLN B 58 10.04 -3.55 -5.66
N THR B 59 9.93 -3.09 -6.91
CA THR B 59 8.91 -3.59 -7.81
C THR B 59 9.47 -3.95 -9.17
N LYS B 60 8.76 -4.83 -9.88
CA LYS B 60 9.15 -5.23 -11.22
C LYS B 60 7.98 -4.96 -12.15
N ILE B 61 8.26 -4.33 -13.29
CA ILE B 61 7.24 -4.02 -14.28
C ILE B 61 7.46 -5.02 -15.42
N LEU B 62 6.46 -5.84 -15.67
CA LEU B 62 6.53 -6.88 -16.70
C LEU B 62 5.75 -6.52 -17.96
N GLY B 63 5.93 -7.32 -19.01
CA GLY B 63 5.20 -7.08 -20.25
C GLY B 63 5.94 -6.33 -21.34
N SER B 64 5.52 -6.54 -22.59
CA SER B 64 6.14 -5.90 -23.74
C SER B 64 5.94 -4.39 -23.73
N ASP B 65 4.94 -3.90 -23.00
CA ASP B 65 4.69 -2.47 -22.93
C ASP B 65 5.11 -1.86 -21.60
N ARG B 66 6.05 -2.51 -20.92
CA ARG B 66 6.52 -2.01 -19.64
C ARG B 66 7.16 -0.62 -19.72
N VAL B 67 7.88 -0.35 -20.81
CA VAL B 67 8.52 0.95 -20.96
C VAL B 67 7.47 2.06 -21.13
N LYS B 68 6.44 1.78 -21.93
CA LYS B 68 5.38 2.75 -22.14
C LYS B 68 4.73 3.10 -20.80
N LEU B 69 4.49 2.08 -19.98
CA LEU B 69 3.88 2.29 -18.68
C LEU B 69 4.72 3.20 -17.79
N MET B 70 6.00 2.86 -17.67
CA MET B 70 6.88 3.65 -16.83
C MET B 70 7.04 5.08 -17.35
N GLU B 71 7.13 5.25 -18.66
CA GLU B 71 7.28 6.60 -19.22
C GLU B 71 6.03 7.45 -19.05
N SER B 72 4.87 6.82 -18.94
CA SER B 72 3.65 7.60 -18.74
C SER B 72 3.63 8.15 -17.31
N LEU B 73 4.55 7.66 -16.47
CA LEU B 73 4.64 8.10 -15.09
C LEU B 73 5.90 8.89 -14.73
N VAL B 74 7.00 8.64 -15.45
CA VAL B 74 8.26 9.33 -15.15
C VAL B 74 8.76 10.26 -16.24
N VAL B 75 9.75 11.08 -15.91
CA VAL B 75 10.30 12.07 -16.83
C VAL B 75 11.53 11.66 -17.63
N GLY B 76 12.08 10.48 -17.35
CA GLY B 76 13.28 10.06 -18.06
C GLY B 76 13.10 9.28 -19.35
N ASP B 77 14.19 9.20 -20.13
CA ASP B 77 14.21 8.46 -21.38
C ASP B 77 14.51 7.01 -20.99
N ILE B 78 13.47 6.25 -20.67
CA ILE B 78 13.64 4.87 -20.26
C ILE B 78 14.00 3.91 -21.39
N ALA B 79 13.40 4.12 -22.56
CA ALA B 79 13.67 3.26 -23.72
C ALA B 79 15.15 3.25 -24.10
N GLU B 80 15.82 4.39 -23.92
CA GLU B 80 17.24 4.53 -24.27
C GLU B 80 18.22 3.81 -23.34
N LEU B 81 17.75 3.39 -22.16
CA LEU B 81 18.64 2.68 -21.24
C LEU B 81 19.07 1.37 -21.86
N ARG B 82 20.37 1.09 -21.79
CA ARG B 82 20.91 -0.16 -22.34
C ARG B 82 20.49 -1.30 -21.42
N PRO B 83 20.55 -2.55 -21.91
CA PRO B 83 20.17 -3.67 -21.04
C PRO B 83 21.00 -3.61 -19.76
N ASN B 84 20.32 -3.72 -18.63
CA ASN B 84 20.95 -3.69 -17.31
C ASN B 84 21.53 -2.35 -16.89
N GLN B 85 21.04 -1.28 -17.52
CA GLN B 85 21.47 0.06 -17.17
C GLN B 85 20.27 0.72 -16.52
N GLY B 86 20.51 1.58 -15.54
CA GLY B 86 19.42 2.25 -14.87
C GLY B 86 19.64 3.75 -14.73
N THR B 87 18.66 4.43 -14.17
CA THR B 87 18.77 5.86 -13.97
C THR B 87 17.84 6.34 -12.87
N LEU B 88 18.23 7.44 -12.24
CA LEU B 88 17.41 8.04 -11.22
C LEU B 88 16.32 8.74 -12.04
N SER B 89 15.10 8.74 -11.55
CA SER B 89 14.04 9.42 -12.27
C SER B 89 13.03 9.95 -11.26
N LEU B 90 11.96 10.54 -11.76
CA LEU B 90 10.94 11.14 -10.90
C LEU B 90 9.52 10.89 -11.39
N PHE B 91 8.61 10.64 -10.46
CA PHE B 91 7.20 10.47 -10.77
C PHE B 91 6.67 11.90 -10.66
N THR B 92 5.97 12.39 -11.69
CA THR B 92 5.43 13.74 -11.63
C THR B 92 3.91 13.72 -11.79
N ASN B 93 3.24 14.79 -11.32
CA ASN B 93 1.79 14.89 -11.46
C ASN B 93 1.51 15.90 -12.57
N GLU B 94 0.24 16.08 -12.90
CA GLU B 94 -0.13 17.01 -13.97
C GLU B 94 0.26 18.46 -13.71
N ALA B 95 0.49 18.81 -12.44
CA ALA B 95 0.88 20.18 -12.10
C ALA B 95 2.39 20.37 -12.21
N GLY B 96 3.10 19.28 -12.51
CA GLY B 96 4.54 19.37 -12.65
C GLY B 96 5.28 19.08 -11.36
N GLY B 97 4.53 18.82 -10.29
CA GLY B 97 5.16 18.52 -9.01
C GLY B 97 5.69 17.10 -8.99
N ILE B 98 6.55 16.81 -8.01
CA ILE B 98 7.15 15.49 -7.89
C ILE B 98 6.43 14.64 -6.83
N LEU B 99 6.06 13.42 -7.22
CA LEU B 99 5.37 12.50 -6.32
C LEU B 99 6.37 11.66 -5.52
N ASP B 100 7.55 11.45 -6.10
CA ASP B 100 8.63 10.71 -5.46
C ASP B 100 9.76 10.53 -6.45
N ASP B 101 10.96 10.28 -5.93
CA ASP B 101 12.11 10.04 -6.79
C ASP B 101 12.28 8.53 -6.77
N LEU B 102 12.96 7.98 -7.76
CA LEU B 102 13.13 6.54 -7.84
C LEU B 102 14.30 6.18 -8.72
N ILE B 103 14.65 4.90 -8.72
CA ILE B 103 15.72 4.40 -9.56
C ILE B 103 15.05 3.32 -10.40
N VAL B 104 15.18 3.41 -11.72
CA VAL B 104 14.59 2.40 -12.59
C VAL B 104 15.66 1.80 -13.49
N THR B 105 15.70 0.47 -13.53
CA THR B 105 16.67 -0.24 -14.34
C THR B 105 15.97 -1.07 -15.42
N ASN B 106 16.53 -1.05 -16.62
CA ASN B 106 16.01 -1.82 -17.75
C ASN B 106 16.81 -3.12 -17.78
N THR B 107 16.33 -4.16 -17.09
CA THR B 107 17.06 -5.42 -17.02
C THR B 107 17.06 -6.24 -18.30
N SER B 108 18.11 -7.04 -18.48
CA SER B 108 18.26 -7.87 -19.66
C SER B 108 17.16 -8.91 -19.74
N GLU B 109 16.46 -9.12 -18.62
CA GLU B 109 15.35 -10.06 -18.61
C GLU B 109 14.18 -9.31 -19.24
N GLY B 110 12.97 -9.75 -18.97
CA GLY B 110 11.82 -9.07 -19.54
C GLY B 110 11.12 -8.15 -18.57
N HIS B 111 11.89 -7.38 -17.80
CA HIS B 111 11.26 -6.47 -16.84
C HIS B 111 12.08 -5.28 -16.39
N LEU B 112 11.37 -4.27 -15.90
CA LEU B 112 12.01 -3.07 -15.37
C LEU B 112 12.07 -3.31 -13.86
N TYR B 113 13.20 -2.97 -13.25
CA TYR B 113 13.38 -3.14 -11.82
C TYR B 113 13.36 -1.75 -11.21
N VAL B 114 12.38 -1.50 -10.35
CA VAL B 114 12.20 -0.19 -9.74
C VAL B 114 12.36 -0.19 -8.23
N VAL B 115 13.09 0.80 -7.72
CA VAL B 115 13.30 0.95 -6.29
C VAL B 115 12.86 2.35 -5.89
N SER B 116 11.93 2.44 -4.95
CA SER B 116 11.43 3.74 -4.49
C SER B 116 11.33 3.82 -2.97
N ASN B 117 11.11 5.02 -2.46
CA ASN B 117 11.06 5.27 -1.03
C ASN B 117 10.05 4.53 -0.16
N ALA B 118 10.54 4.05 0.98
CA ALA B 118 9.73 3.33 1.94
C ALA B 118 8.59 4.22 2.41
N GLY B 119 8.90 5.50 2.61
CA GLY B 119 7.90 6.45 3.07
C GLY B 119 6.79 6.76 2.08
N CYS B 120 6.95 6.36 0.82
CA CYS B 120 5.94 6.60 -0.20
C CYS B 120 5.47 5.32 -0.86
N TRP B 121 5.69 4.17 -0.23
CA TRP B 121 5.30 2.92 -0.88
C TRP B 121 3.81 2.82 -1.18
N GLU B 122 2.95 3.24 -0.26
CA GLU B 122 1.52 3.17 -0.51
C GLU B 122 1.13 4.01 -1.72
N LYS B 123 1.65 5.23 -1.77
CA LYS B 123 1.40 6.15 -2.87
C LYS B 123 1.93 5.63 -4.20
N ASP B 124 3.23 5.28 -4.20
CA ASP B 124 3.88 4.79 -5.42
C ASP B 124 3.30 3.49 -5.94
N LEU B 125 3.02 2.55 -5.05
CA LEU B 125 2.46 1.28 -5.48
C LEU B 125 1.09 1.48 -6.11
N ALA B 126 0.27 2.34 -5.50
CA ALA B 126 -1.06 2.61 -6.03
C ALA B 126 -0.95 3.27 -7.40
N LEU B 127 -0.01 4.20 -7.53
CA LEU B 127 0.21 4.92 -8.78
C LEU B 127 0.54 3.96 -9.93
N MET B 128 1.51 3.08 -9.69
CA MET B 128 1.93 2.11 -10.69
C MET B 128 0.85 1.07 -10.98
N GLN B 129 0.22 0.55 -9.92
CA GLN B 129 -0.82 -0.47 -10.09
C GLN B 129 -2.01 0.09 -10.89
N ASP B 130 -2.40 1.33 -10.60
CA ASP B 130 -3.50 1.95 -11.32
C ASP B 130 -3.16 2.18 -12.78
N LYS B 131 -1.91 2.57 -13.04
CA LYS B 131 -1.48 2.80 -14.41
C LYS B 131 -1.44 1.47 -15.15
N VAL B 132 -1.05 0.41 -14.44
CA VAL B 132 -1.00 -0.91 -15.04
C VAL B 132 -2.41 -1.29 -15.49
N ARG B 133 -3.40 -1.10 -14.61
CA ARG B 133 -4.78 -1.43 -14.96
C ARG B 133 -5.29 -0.56 -16.11
N GLU B 134 -4.91 0.71 -16.11
CA GLU B 134 -5.34 1.61 -17.18
C GLU B 134 -4.82 1.13 -18.53
N LEU B 135 -3.55 0.74 -18.58
CA LEU B 135 -2.95 0.27 -19.83
C LEU B 135 -3.47 -1.09 -20.26
N GLN B 136 -3.79 -1.96 -19.31
CA GLN B 136 -4.34 -3.27 -19.65
C GLN B 136 -5.73 -3.04 -20.25
N ASN B 137 -6.45 -2.06 -19.69
CA ASN B 137 -7.79 -1.72 -20.16
C ASN B 137 -7.70 -1.26 -21.62
N GLN B 138 -6.62 -0.56 -21.94
CA GLN B 138 -6.41 -0.06 -23.30
C GLN B 138 -5.94 -1.14 -24.27
N GLY B 139 -5.79 -2.36 -23.78
CA GLY B 139 -5.37 -3.46 -24.64
C GLY B 139 -3.87 -3.71 -24.73
N ARG B 140 -3.09 -3.11 -23.84
CA ARG B 140 -1.65 -3.31 -23.85
C ARG B 140 -1.22 -4.44 -22.93
N ASP B 141 0.03 -4.89 -23.09
CA ASP B 141 0.57 -5.98 -22.28
C ASP B 141 1.52 -5.48 -21.20
N VAL B 142 1.06 -5.48 -19.95
CA VAL B 142 1.90 -5.03 -18.86
C VAL B 142 1.43 -5.63 -17.54
N GLY B 143 2.35 -5.71 -16.58
CA GLY B 143 2.04 -6.26 -15.28
C GLY B 143 2.99 -5.72 -14.24
N LEU B 144 2.68 -5.97 -12.97
CA LEU B 144 3.51 -5.49 -11.89
C LEU B 144 3.60 -6.52 -10.76
N GLU B 145 4.79 -6.65 -10.20
CA GLU B 145 5.02 -7.58 -9.09
C GLU B 145 5.79 -6.85 -8.01
N VAL B 146 5.38 -7.04 -6.76
CA VAL B 146 6.09 -6.42 -5.65
C VAL B 146 7.10 -7.45 -5.18
N LEU B 147 8.38 -7.10 -5.23
CA LEU B 147 9.43 -8.01 -4.80
C LEU B 147 9.47 -8.10 -3.28
N ASP B 148 9.84 -9.26 -2.76
CA ASP B 148 9.90 -9.45 -1.33
C ASP B 148 11.34 -9.51 -0.78
N ASN B 149 12.31 -9.21 -1.63
CA ASN B 149 13.72 -9.23 -1.25
C ASN B 149 14.12 -8.16 -0.24
N ALA B 150 15.24 -8.41 0.43
CA ALA B 150 15.79 -7.45 1.37
C ALA B 150 16.67 -6.59 0.48
N LEU B 151 17.28 -5.54 1.02
CA LEU B 151 18.13 -4.67 0.21
C LEU B 151 19.25 -4.11 1.07
N LEU B 152 20.49 -4.33 0.64
CA LEU B 152 21.65 -3.86 1.37
C LEU B 152 22.51 -2.93 0.52
N ALA B 153 23.07 -1.90 1.15
CA ALA B 153 23.92 -0.97 0.43
C ALA B 153 25.30 -0.95 1.09
N LEU B 154 26.33 -1.26 0.29
CA LEU B 154 27.72 -1.26 0.76
C LEU B 154 28.34 -0.07 0.05
N GLN B 155 28.71 0.95 0.82
CA GLN B 155 29.23 2.19 0.26
C GLN B 155 30.60 2.63 0.78
N GLY B 156 31.44 3.13 -0.12
CA GLY B 156 32.77 3.59 0.26
C GLY B 156 33.86 3.21 -0.73
N PRO B 157 35.04 3.85 -0.63
CA PRO B 157 36.16 3.55 -1.53
C PRO B 157 36.64 2.10 -1.56
N THR B 158 36.36 1.33 -0.51
CA THR B 158 36.80 -0.07 -0.50
C THR B 158 35.61 -1.03 -0.60
N ALA B 159 34.44 -0.47 -0.92
CA ALA B 159 33.23 -1.27 -1.04
C ALA B 159 33.34 -2.33 -2.14
N ALA B 160 33.75 -1.93 -3.34
CA ALA B 160 33.87 -2.87 -4.44
C ALA B 160 34.86 -3.98 -4.11
N GLN B 161 35.99 -3.58 -3.51
CA GLN B 161 37.03 -4.52 -3.13
C GLN B 161 36.48 -5.59 -2.17
N VAL B 162 35.67 -5.15 -1.22
CA VAL B 162 35.07 -6.06 -0.25
C VAL B 162 34.10 -7.03 -0.91
N LEU B 163 33.23 -6.52 -1.77
CA LEU B 163 32.25 -7.38 -2.43
C LEU B 163 32.90 -8.29 -3.46
N GLN B 164 33.97 -7.83 -4.09
CA GLN B 164 34.65 -8.63 -5.10
C GLN B 164 35.06 -10.02 -4.58
N ALA B 165 35.29 -10.13 -3.28
CA ALA B 165 35.69 -11.40 -2.70
C ALA B 165 34.52 -12.37 -2.62
N GLY B 166 33.32 -11.87 -2.84
CA GLY B 166 32.15 -12.72 -2.78
C GLY B 166 31.42 -12.96 -4.09
N VAL B 167 31.99 -12.49 -5.21
CA VAL B 167 31.36 -12.69 -6.50
C VAL B 167 32.35 -13.08 -7.59
N ALA B 168 31.89 -13.88 -8.54
CA ALA B 168 32.74 -14.32 -9.65
C ALA B 168 32.89 -13.20 -10.67
N ASP B 169 31.85 -12.39 -10.83
CA ASP B 169 31.87 -11.29 -11.80
C ASP B 169 33.00 -10.30 -11.52
N ASP B 170 33.51 -9.71 -12.59
CA ASP B 170 34.57 -8.71 -12.48
C ASP B 170 33.88 -7.38 -12.26
N LEU B 171 33.88 -6.90 -11.01
CA LEU B 171 33.21 -5.65 -10.70
C LEU B 171 33.78 -4.42 -11.40
N ARG B 172 35.03 -4.51 -11.88
CA ARG B 172 35.62 -3.39 -12.58
C ARG B 172 34.91 -3.19 -13.93
N LYS B 173 34.06 -4.14 -14.29
CA LYS B 173 33.31 -4.06 -15.53
C LYS B 173 31.82 -3.80 -15.25
N LEU B 174 31.53 -3.34 -14.04
CA LEU B 174 30.17 -3.01 -13.63
C LEU B 174 30.18 -1.52 -13.29
N PRO B 175 30.12 -0.66 -14.31
CA PRO B 175 30.13 0.80 -14.20
C PRO B 175 28.94 1.37 -13.41
N PHE B 176 29.11 2.59 -12.94
CA PHE B 176 28.08 3.31 -12.18
C PHE B 176 26.74 3.21 -12.91
N MET B 177 25.71 2.89 -12.15
CA MET B 177 24.33 2.75 -12.65
C MET B 177 24.03 1.54 -13.53
N THR B 178 24.92 0.55 -13.55
CA THR B 178 24.67 -0.67 -14.32
C THR B 178 24.48 -1.76 -13.28
N SER B 179 23.91 -2.90 -13.69
CA SER B 179 23.67 -3.98 -12.74
C SER B 179 23.71 -5.37 -13.37
N ALA B 180 23.68 -6.38 -12.52
CA ALA B 180 23.70 -7.75 -12.99
C ALA B 180 23.23 -8.70 -11.88
N VAL B 181 22.69 -9.84 -12.28
CA VAL B 181 22.25 -10.84 -11.32
C VAL B 181 23.50 -11.66 -11.00
N MET B 182 23.80 -11.81 -9.71
CA MET B 182 24.98 -12.55 -9.30
C MET B 182 24.74 -13.40 -8.05
N GLU B 183 25.64 -14.35 -7.82
CA GLU B 183 25.60 -15.18 -6.62
C GLU B 183 26.56 -14.45 -5.72
N VAL B 184 26.06 -13.89 -4.62
CA VAL B 184 26.91 -13.12 -3.71
C VAL B 184 27.16 -13.86 -2.40
N PHE B 185 28.44 -14.14 -2.13
CA PHE B 185 28.84 -14.86 -0.93
C PHE B 185 27.99 -16.11 -0.72
N GLY B 186 27.75 -16.84 -1.80
CA GLY B 186 26.97 -18.07 -1.70
C GLY B 186 25.47 -17.95 -1.88
N VAL B 187 24.96 -16.72 -1.90
CA VAL B 187 23.53 -16.50 -2.07
C VAL B 187 23.23 -16.23 -3.55
N SER B 188 22.55 -17.16 -4.19
CA SER B 188 22.23 -17.03 -5.60
C SER B 188 20.99 -16.16 -5.84
N GLY B 189 20.88 -15.64 -7.06
CA GLY B 189 19.73 -14.82 -7.41
C GLY B 189 19.71 -13.41 -6.87
N CYS B 190 20.87 -12.87 -6.53
CA CYS B 190 20.94 -11.50 -6.02
C CYS B 190 21.11 -10.56 -7.20
N ARG B 191 20.68 -9.32 -7.04
CA ARG B 191 20.88 -8.35 -8.10
C ARG B 191 21.80 -7.30 -7.51
N VAL B 192 22.94 -7.08 -8.15
CA VAL B 192 23.93 -6.12 -7.70
C VAL B 192 23.93 -4.92 -8.65
N THR B 193 23.67 -3.74 -8.09
CA THR B 193 23.64 -2.51 -8.88
C THR B 193 24.71 -1.55 -8.37
N ARG B 194 25.45 -0.92 -9.29
CA ARG B 194 26.50 0.02 -8.92
C ARG B 194 25.86 1.38 -8.67
N CYS B 195 25.29 1.55 -7.49
CA CYS B 195 24.63 2.81 -7.15
C CYS B 195 24.67 3.04 -5.65
N GLY B 196 24.12 4.16 -5.22
CA GLY B 196 24.12 4.47 -3.80
C GLY B 196 23.48 5.79 -3.47
N TYR B 197 23.60 6.19 -2.20
CA TYR B 197 23.01 7.43 -1.73
C TYR B 197 24.05 8.13 -0.85
N THR B 198 25.33 7.99 -1.22
CA THR B 198 26.41 8.57 -0.42
C THR B 198 27.40 9.46 -1.17
N GLY B 199 27.43 9.35 -2.48
CA GLY B 199 28.38 10.15 -3.25
C GLY B 199 29.67 9.38 -3.48
N GLU B 200 29.87 8.31 -2.72
CA GLU B 200 31.06 7.47 -2.86
C GLU B 200 30.75 6.37 -3.86
N ASP B 201 31.76 5.57 -4.19
CA ASP B 201 31.53 4.45 -5.09
C ASP B 201 30.75 3.50 -4.19
N GLY B 202 30.00 2.56 -4.77
CA GLY B 202 29.24 1.64 -3.94
C GLY B 202 28.30 0.76 -4.74
N VAL B 203 27.65 -0.16 -4.03
CA VAL B 203 26.71 -1.08 -4.64
C VAL B 203 25.48 -1.27 -3.77
N GLU B 204 24.40 -1.76 -4.37
CA GLU B 204 23.16 -2.06 -3.67
C GLU B 204 22.89 -3.50 -4.04
N ILE B 205 22.55 -4.32 -3.06
CA ILE B 205 22.30 -5.72 -3.33
C ILE B 205 20.89 -6.15 -2.96
N SER B 206 20.10 -6.52 -3.96
CA SER B 206 18.73 -6.99 -3.72
C SER B 206 18.95 -8.48 -3.47
N VAL B 207 18.68 -8.91 -2.24
CA VAL B 207 18.90 -10.30 -1.86
C VAL B 207 17.67 -10.99 -1.27
N PRO B 208 17.44 -12.25 -1.66
CA PRO B 208 16.29 -12.98 -1.13
C PRO B 208 16.35 -12.99 0.39
N VAL B 209 15.21 -12.83 1.04
CA VAL B 209 15.12 -12.80 2.48
C VAL B 209 15.88 -13.94 3.17
N ALA B 210 15.71 -15.15 2.66
CA ALA B 210 16.36 -16.34 3.24
C ALA B 210 17.88 -16.25 3.33
N GLY B 211 18.50 -15.43 2.49
CA GLY B 211 19.95 -15.31 2.53
C GLY B 211 20.46 -13.94 2.96
N ALA B 212 19.55 -13.06 3.37
CA ALA B 212 19.91 -11.71 3.79
C ALA B 212 20.88 -11.65 4.96
N VAL B 213 20.59 -12.36 6.03
CA VAL B 213 21.47 -12.35 7.20
C VAL B 213 22.83 -12.93 6.85
N HIS B 214 22.83 -14.02 6.09
CA HIS B 214 24.09 -14.66 5.70
C HIS B 214 24.96 -13.68 4.91
N LEU B 215 24.35 -12.96 3.98
CA LEU B 215 25.07 -11.99 3.16
C LEU B 215 25.66 -10.86 3.99
N ALA B 216 24.85 -10.28 4.87
CA ALA B 216 25.31 -9.18 5.71
C ALA B 216 26.43 -9.64 6.63
N THR B 217 26.27 -10.83 7.21
CA THR B 217 27.28 -11.39 8.10
C THR B 217 28.59 -11.60 7.35
N ALA B 218 28.49 -12.17 6.15
CA ALA B 218 29.66 -12.43 5.33
C ALA B 218 30.39 -11.14 4.97
N ILE B 219 29.63 -10.13 4.58
CA ILE B 219 30.23 -8.84 4.22
C ILE B 219 30.95 -8.23 5.42
N LEU B 220 30.31 -8.30 6.58
CA LEU B 220 30.86 -7.73 7.80
C LEU B 220 32.12 -8.43 8.32
N LYS B 221 32.43 -9.61 7.79
CA LYS B 221 33.63 -10.32 8.24
C LYS B 221 34.87 -9.54 7.84
N ASN B 222 34.77 -8.78 6.75
CA ASN B 222 35.90 -7.99 6.28
C ASN B 222 36.08 -6.76 7.18
N PRO B 223 37.27 -6.61 7.79
CA PRO B 223 37.55 -5.48 8.69
C PRO B 223 37.37 -4.07 8.10
N GLU B 224 37.30 -3.97 6.77
CA GLU B 224 37.10 -2.67 6.12
C GLU B 224 35.69 -2.16 6.38
N VAL B 225 34.78 -3.08 6.67
CA VAL B 225 33.38 -2.76 6.87
C VAL B 225 32.87 -2.49 8.29
N LYS B 226 32.01 -1.49 8.39
CA LYS B 226 31.36 -1.12 9.64
C LYS B 226 29.91 -0.80 9.28
N LEU B 227 28.98 -1.19 10.13
CA LEU B 227 27.57 -0.91 9.87
C LEU B 227 27.34 0.58 10.06
N ALA B 228 26.40 1.14 9.30
CA ALA B 228 26.08 2.55 9.40
C ALA B 228 24.56 2.71 9.47
N GLY B 229 24.11 3.69 10.25
CA GLY B 229 22.69 3.91 10.41
C GLY B 229 22.10 5.12 9.71
N LEU B 230 20.88 5.47 10.10
CA LEU B 230 20.14 6.59 9.53
C LEU B 230 20.81 7.97 9.63
N ALA B 231 21.37 8.29 10.80
CA ALA B 231 22.01 9.59 10.97
C ALA B 231 23.14 9.80 9.97
N ALA B 232 24.03 8.81 9.88
CA ALA B 232 25.15 8.89 8.94
C ALA B 232 24.65 8.88 7.50
N ARG B 233 23.61 8.09 7.25
CA ARG B 233 23.04 8.00 5.91
C ARG B 233 22.59 9.39 5.46
N ASP B 234 22.01 10.16 6.38
CA ASP B 234 21.52 11.48 6.04
C ASP B 234 22.62 12.50 5.81
N SER B 235 23.66 12.49 6.66
CA SER B 235 24.74 13.45 6.50
C SER B 235 25.53 13.17 5.22
N LEU B 236 25.67 11.89 4.87
CA LEU B 236 26.38 11.50 3.67
C LEU B 236 25.65 11.95 2.40
N ARG B 237 24.35 11.65 2.32
CA ARG B 237 23.58 12.02 1.15
C ARG B 237 23.50 13.53 0.95
N LEU B 238 23.43 14.27 2.06
CA LEU B 238 23.35 15.73 1.97
C LEU B 238 24.66 16.29 1.39
N GLU B 239 25.80 15.81 1.90
CA GLU B 239 27.09 16.28 1.41
C GLU B 239 27.21 15.95 -0.08
N ALA B 240 26.60 14.86 -0.50
CA ALA B 240 26.64 14.43 -1.89
C ALA B 240 25.65 15.21 -2.75
N GLY B 241 24.90 16.12 -2.14
CA GLY B 241 23.94 16.91 -2.89
C GLY B 241 22.73 16.13 -3.39
N LEU B 242 22.45 15.01 -2.74
CA LEU B 242 21.33 14.16 -3.13
C LEU B 242 20.04 14.56 -2.42
N CYS B 243 18.93 14.61 -3.16
CA CYS B 243 17.65 14.99 -2.59
C CYS B 243 17.02 13.94 -1.69
N LEU B 244 16.21 14.41 -0.75
CA LEU B 244 15.48 13.56 0.16
C LEU B 244 14.02 13.95 -0.06
N TYR B 245 13.25 13.07 -0.70
CA TYR B 245 11.85 13.37 -0.96
C TYR B 245 11.12 13.68 0.35
N GLY B 246 10.27 14.70 0.32
CA GLY B 246 9.55 15.06 1.52
C GLY B 246 10.24 16.23 2.19
N ASN B 247 11.52 16.43 1.87
CA ASN B 247 12.29 17.54 2.41
C ASN B 247 12.67 18.51 1.32
N ASP B 248 13.60 18.08 0.47
CA ASP B 248 14.13 18.91 -0.61
C ASP B 248 13.28 19.02 -1.86
N ILE B 249 12.42 18.03 -2.06
CA ILE B 249 11.51 18.04 -3.20
C ILE B 249 10.20 17.45 -2.71
N ASP B 250 9.10 17.87 -3.32
CA ASP B 250 7.78 17.39 -2.94
C ASP B 250 6.80 17.64 -4.08
N GLU B 251 5.51 17.45 -3.81
CA GLU B 251 4.49 17.64 -4.82
C GLU B 251 4.34 19.08 -5.29
N HIS B 252 5.01 20.01 -4.62
CA HIS B 252 4.92 21.42 -5.02
C HIS B 252 6.22 21.97 -5.61
N THR B 253 7.11 21.07 -6.01
CA THR B 253 8.37 21.46 -6.62
C THR B 253 8.53 20.68 -7.92
N THR B 254 8.77 21.38 -9.03
CA THR B 254 8.96 20.70 -10.30
C THR B 254 10.40 20.24 -10.38
N PRO B 255 10.72 19.39 -11.38
CA PRO B 255 12.09 18.90 -11.54
C PRO B 255 13.07 20.03 -11.83
N VAL B 256 12.59 21.10 -12.48
CA VAL B 256 13.47 22.23 -12.80
C VAL B 256 13.73 23.06 -11.55
N GLU B 257 12.69 23.35 -10.77
CA GLU B 257 12.87 24.11 -9.55
C GLU B 257 13.79 23.32 -8.61
N GLY B 258 13.61 21.99 -8.60
CA GLY B 258 14.42 21.14 -7.74
C GLY B 258 15.83 20.90 -8.24
N SER B 259 16.25 21.65 -9.26
CA SER B 259 17.58 21.50 -9.83
C SER B 259 17.86 20.05 -10.22
N LEU B 260 16.89 19.44 -10.90
CA LEU B 260 17.00 18.07 -11.36
C LEU B 260 16.61 18.02 -12.84
N SER B 261 16.91 19.10 -13.56
CA SER B 261 16.59 19.18 -14.97
C SER B 261 17.23 18.04 -15.75
N TRP B 262 18.37 17.55 -15.27
CA TRP B 262 19.07 16.47 -15.94
C TRP B 262 18.29 15.16 -15.97
N THR B 263 17.28 15.02 -15.11
CA THR B 263 16.48 13.79 -15.09
C THR B 263 15.48 13.77 -16.25
N LEU B 264 15.22 14.94 -16.83
CA LEU B 264 14.27 15.05 -17.94
C LEU B 264 14.92 14.52 -19.22
N GLY B 265 14.36 13.44 -19.76
CA GLY B 265 14.91 12.85 -20.96
C GLY B 265 14.90 13.77 -22.17
N LYS B 266 15.92 13.65 -23.01
CA LYS B 266 16.02 14.48 -24.21
C LYS B 266 14.79 14.27 -25.09
N ARG B 267 14.47 13.00 -25.36
CA ARG B 267 13.32 12.67 -26.19
C ARG B 267 12.04 13.11 -25.49
N ARG B 268 11.97 12.85 -24.18
CA ARG B 268 10.79 13.22 -23.41
C ARG B 268 10.52 14.72 -23.54
N ARG B 269 11.58 15.53 -23.47
CA ARG B 269 11.43 16.98 -23.57
C ARG B 269 10.79 17.36 -24.90
N ALA B 270 11.24 16.73 -25.98
CA ALA B 270 10.72 17.01 -27.32
C ALA B 270 9.30 16.48 -27.54
N ALA B 271 9.00 15.34 -26.90
CA ALA B 271 7.68 14.72 -27.06
C ALA B 271 6.62 15.31 -26.14
N MET B 272 7.05 15.91 -25.03
CA MET B 272 6.10 16.51 -24.09
C MET B 272 5.11 15.44 -23.64
N ASP B 273 5.57 14.20 -23.54
CA ASP B 273 4.69 13.10 -23.16
C ASP B 273 4.80 12.58 -21.74
N PHE B 274 5.16 13.45 -20.80
CA PHE B 274 5.23 13.04 -19.40
C PHE B 274 4.33 13.98 -18.62
N PRO B 275 3.81 13.51 -17.47
CA PRO B 275 2.92 14.38 -16.69
C PRO B 275 3.56 15.70 -16.26
N GLY B 276 2.82 16.79 -16.45
CA GLY B 276 3.31 18.10 -16.07
C GLY B 276 4.23 18.77 -17.08
N ALA B 277 4.45 18.12 -18.22
CA ALA B 277 5.32 18.68 -19.25
C ALA B 277 4.94 20.10 -19.64
N LYS B 278 3.65 20.40 -19.64
CA LYS B 278 3.15 21.72 -20.00
C LYS B 278 3.73 22.77 -19.05
N VAL B 279 3.93 22.38 -17.80
CA VAL B 279 4.47 23.27 -16.79
C VAL B 279 6.00 23.23 -16.72
N ILE B 280 6.54 22.02 -16.73
CA ILE B 280 7.98 21.80 -16.64
C ILE B 280 8.84 22.31 -17.79
N VAL B 281 8.58 21.82 -18.99
CA VAL B 281 9.37 22.23 -20.15
C VAL B 281 9.59 23.74 -20.28
N PRO B 282 8.53 24.54 -20.11
CA PRO B 282 8.69 26.00 -20.22
C PRO B 282 9.72 26.55 -19.24
N GLN B 283 9.79 25.96 -18.05
CA GLN B 283 10.73 26.41 -17.03
C GLN B 283 12.17 26.16 -17.44
N LEU B 284 12.37 25.25 -18.40
CA LEU B 284 13.71 24.94 -18.87
C LEU B 284 14.34 26.18 -19.52
N LYS B 285 13.48 27.05 -20.05
CA LYS B 285 13.95 28.27 -20.70
C LYS B 285 14.52 29.23 -19.65
N GLY B 286 13.92 29.21 -18.46
CA GLY B 286 14.39 30.06 -17.38
C GLY B 286 13.24 30.69 -16.61
N ARG B 287 12.02 30.38 -17.02
CA ARG B 287 10.84 30.93 -16.35
C ARG B 287 10.55 30.18 -15.06
N VAL B 288 11.48 30.26 -14.11
CA VAL B 288 11.30 29.59 -12.82
C VAL B 288 11.52 30.59 -11.67
N GLN B 289 10.59 30.57 -10.70
CA GLN B 289 10.64 31.47 -9.56
C GLN B 289 11.59 31.07 -8.44
N ARG B 290 12.02 29.81 -8.43
CA ARG B 290 12.93 29.34 -7.39
C ARG B 290 13.81 28.18 -7.85
N ARG B 291 14.87 27.93 -7.10
CA ARG B 291 15.82 26.88 -7.43
C ARG B 291 16.46 26.29 -6.17
N ARG B 292 16.62 24.97 -6.15
CA ARG B 292 17.26 24.29 -5.02
C ARG B 292 18.76 24.51 -5.11
N VAL B 293 19.36 24.95 -4.00
CA VAL B 293 20.80 25.19 -3.94
C VAL B 293 21.40 24.64 -2.66
N GLY B 294 22.72 24.61 -2.61
CA GLY B 294 23.41 24.12 -1.42
C GLY B 294 23.92 25.30 -0.64
N LEU B 295 23.92 25.21 0.68
CA LEU B 295 24.38 26.29 1.54
C LEU B 295 25.41 25.77 2.55
N MET B 296 26.33 26.65 2.93
CA MET B 296 27.37 26.32 3.92
C MET B 296 27.54 27.48 4.87
N CYS B 297 27.85 27.17 6.13
CA CYS B 297 28.08 28.21 7.14
C CYS B 297 28.79 27.63 8.35
N GLU B 298 29.22 28.53 9.24
CA GLU B 298 29.90 28.11 10.45
C GLU B 298 28.95 28.35 11.61
N GLY B 299 29.44 28.18 12.83
CA GLY B 299 28.59 28.40 13.99
C GLY B 299 27.50 27.34 14.11
N ALA B 300 26.29 27.79 14.44
CA ALA B 300 25.16 26.90 14.61
C ALA B 300 24.63 26.34 13.29
N PRO B 301 24.21 25.07 13.27
CA PRO B 301 23.68 24.40 12.07
C PRO B 301 22.38 24.98 11.53
N MET B 302 22.27 25.04 10.20
CA MET B 302 21.05 25.53 9.57
C MET B 302 20.09 24.34 9.60
N ARG B 303 18.82 24.59 9.92
CA ARG B 303 17.83 23.52 9.99
C ARG B 303 16.67 23.72 9.04
N ALA B 304 16.03 22.61 8.66
CA ALA B 304 14.90 22.65 7.74
C ALA B 304 13.82 23.59 8.29
N HIS B 305 13.14 24.27 7.37
CA HIS B 305 12.07 25.21 7.69
C HIS B 305 12.55 26.61 8.06
N SER B 306 13.87 26.81 8.14
CA SER B 306 14.41 28.12 8.47
C SER B 306 14.42 29.05 7.26
N PRO B 307 14.04 30.31 7.46
CA PRO B 307 14.01 31.30 6.38
C PRO B 307 15.41 31.64 5.87
N ILE B 308 15.51 31.88 4.56
CA ILE B 308 16.76 32.28 3.94
C ILE B 308 16.51 33.71 3.49
N LEU B 309 17.43 34.61 3.82
CA LEU B 309 17.27 36.02 3.47
C LEU B 309 18.45 36.51 2.63
N ASN B 310 18.28 37.63 1.92
CA ASN B 310 19.39 38.18 1.17
C ASN B 310 20.15 39.00 2.20
N MET B 311 21.26 39.62 1.81
CA MET B 311 22.05 40.38 2.77
C MET B 311 21.38 41.62 3.34
N GLU B 312 20.28 42.06 2.74
CA GLU B 312 19.57 43.22 3.26
C GLU B 312 18.57 42.74 4.32
N GLY B 313 18.45 41.43 4.45
CA GLY B 313 17.57 40.85 5.45
C GLY B 313 16.18 40.48 4.94
N THR B 314 15.96 40.57 3.63
CA THR B 314 14.66 40.26 3.04
C THR B 314 14.52 38.76 2.77
N LYS B 315 13.43 38.15 3.25
CA LYS B 315 13.22 36.73 3.04
C LYS B 315 13.07 36.40 1.56
N ILE B 316 13.86 35.42 1.10
CA ILE B 316 13.83 35.01 -0.31
C ILE B 316 13.60 33.51 -0.47
N GLY B 317 13.79 32.74 0.59
CA GLY B 317 13.61 31.31 0.49
C GLY B 317 13.51 30.57 1.80
N THR B 318 13.69 29.26 1.74
CA THR B 318 13.58 28.41 2.93
C THR B 318 14.53 27.21 2.85
N VAL B 319 15.08 26.84 4.00
CA VAL B 319 15.97 25.69 4.08
C VAL B 319 15.09 24.44 4.10
N THR B 320 15.51 23.39 3.41
CA THR B 320 14.73 22.15 3.35
C THR B 320 15.41 20.99 4.09
N SER B 321 16.74 21.04 4.16
CA SER B 321 17.53 20.01 4.85
C SER B 321 18.80 20.67 5.37
N GLY B 322 19.29 20.20 6.51
CA GLY B 322 20.49 20.79 7.06
C GLY B 322 21.07 20.06 8.26
N CYS B 323 22.39 19.92 8.29
CA CYS B 323 23.07 19.26 9.39
C CYS B 323 24.57 19.48 9.29
N PRO B 324 25.30 19.27 10.40
CA PRO B 324 26.75 19.46 10.38
C PRO B 324 27.41 18.48 9.40
N SER B 325 28.45 18.95 8.71
CA SER B 325 29.18 18.13 7.76
C SER B 325 30.49 17.66 8.38
N PRO B 326 30.61 16.35 8.65
CA PRO B 326 31.83 15.82 9.25
C PRO B 326 33.03 15.93 8.29
N SER B 327 32.77 15.74 7.00
CA SER B 327 33.82 15.79 6.00
C SER B 327 34.38 17.20 5.76
N LEU B 328 33.54 18.21 5.86
CA LEU B 328 33.98 19.59 5.64
C LEU B 328 34.21 20.39 6.92
N LYS B 329 33.78 19.84 8.05
CA LYS B 329 33.92 20.52 9.33
C LYS B 329 33.19 21.87 9.33
N LYS B 330 32.04 21.88 8.67
CA LYS B 330 31.21 23.06 8.58
C LYS B 330 29.77 22.58 8.49
N ASN B 331 28.82 23.51 8.47
CA ASN B 331 27.42 23.14 8.38
C ASN B 331 26.99 23.22 6.92
N VAL B 332 26.19 22.25 6.50
CA VAL B 332 25.69 22.23 5.13
C VAL B 332 24.18 22.14 5.14
N ALA B 333 23.57 22.56 4.04
CA ALA B 333 22.12 22.53 3.94
C ALA B 333 21.67 22.73 2.52
N MET B 334 20.40 22.40 2.27
CA MET B 334 19.78 22.58 0.97
C MET B 334 18.58 23.48 1.19
N GLY B 335 18.22 24.25 0.17
CA GLY B 335 17.09 25.14 0.28
C GLY B 335 16.74 25.76 -1.05
N TYR B 336 15.66 26.52 -1.08
CA TYR B 336 15.23 27.18 -2.31
C TYR B 336 15.41 28.69 -2.23
N VAL B 337 15.89 29.27 -3.32
CA VAL B 337 16.09 30.72 -3.42
C VAL B 337 15.84 31.12 -4.87
N PRO B 338 15.56 32.40 -5.12
CA PRO B 338 15.33 32.84 -6.50
C PRO B 338 16.60 32.59 -7.32
N CYS B 339 16.46 32.47 -8.64
CA CYS B 339 17.61 32.20 -9.50
C CYS B 339 18.76 33.19 -9.35
N GLU B 340 18.44 34.46 -9.06
CA GLU B 340 19.46 35.50 -8.92
C GLU B 340 20.41 35.28 -7.75
N TYR B 341 20.02 34.40 -6.82
CA TYR B 341 20.86 34.13 -5.66
C TYR B 341 21.40 32.70 -5.68
N SER B 342 21.26 32.02 -6.81
CA SER B 342 21.70 30.62 -6.92
C SER B 342 23.14 30.41 -7.36
N ARG B 343 23.80 31.46 -7.82
CA ARG B 343 25.19 31.34 -8.25
C ARG B 343 26.06 30.95 -7.06
N PRO B 344 26.95 29.95 -7.24
CA PRO B 344 27.82 29.53 -6.14
C PRO B 344 28.63 30.72 -5.62
N GLY B 345 28.83 30.80 -4.31
CA GLY B 345 29.58 31.90 -3.75
C GLY B 345 28.72 33.06 -3.28
N THR B 346 27.44 33.02 -3.61
CA THR B 346 26.50 34.07 -3.21
C THR B 346 26.37 34.11 -1.69
N MET B 347 26.47 35.32 -1.13
CA MET B 347 26.36 35.51 0.31
C MET B 347 24.89 35.69 0.70
N LEU B 348 24.45 34.97 1.72
CA LEU B 348 23.07 35.06 2.17
C LEU B 348 22.99 34.98 3.70
N LEU B 349 21.78 35.10 4.23
CA LEU B 349 21.57 35.00 5.67
C LEU B 349 20.55 33.89 5.90
N VAL B 350 20.71 33.18 7.01
CA VAL B 350 19.78 32.11 7.36
C VAL B 350 19.40 32.27 8.83
N GLU B 351 18.11 32.21 9.13
CA GLU B 351 17.67 32.32 10.51
C GLU B 351 18.03 31.04 11.23
N VAL B 352 19.02 31.13 12.10
CA VAL B 352 19.51 29.99 12.88
C VAL B 352 19.33 30.27 14.37
N ARG B 353 18.53 29.43 15.02
CA ARG B 353 18.27 29.59 16.45
C ARG B 353 17.71 30.97 16.72
N ARG B 354 16.80 31.40 15.85
CA ARG B 354 16.14 32.70 15.96
C ARG B 354 17.01 33.91 15.65
N LYS B 355 18.26 33.67 15.25
CA LYS B 355 19.18 34.76 14.93
C LYS B 355 19.65 34.67 13.48
N GLN B 356 19.97 35.82 12.89
CA GLN B 356 20.46 35.85 11.51
C GLN B 356 21.92 35.40 11.50
N GLN B 357 22.23 34.48 10.59
CA GLN B 357 23.58 33.95 10.47
C GLN B 357 24.00 33.95 9.00
N MET B 358 25.21 34.42 8.71
CA MET B 358 25.68 34.48 7.34
C MET B 358 26.05 33.10 6.81
N ALA B 359 25.66 32.85 5.55
CA ALA B 359 25.94 31.58 4.89
C ALA B 359 26.35 31.88 3.44
N VAL B 360 26.88 30.87 2.76
CA VAL B 360 27.30 31.04 1.38
C VAL B 360 26.75 29.92 0.51
N VAL B 361 26.25 30.27 -0.67
CA VAL B 361 25.73 29.27 -1.58
C VAL B 361 26.91 28.44 -2.06
N SER B 362 26.78 27.12 -1.97
CA SER B 362 27.84 26.24 -2.39
C SER B 362 27.41 25.32 -3.52
N LYS B 363 28.32 25.10 -4.45
CA LYS B 363 28.04 24.21 -5.57
C LYS B 363 27.86 22.81 -4.99
N MET B 364 26.93 22.04 -5.55
CA MET B 364 26.72 20.68 -5.06
C MET B 364 27.19 19.71 -6.13
N PRO B 365 27.75 18.55 -5.72
CA PRO B 365 27.95 18.08 -4.34
C PRO B 365 28.95 18.91 -3.54
N PHE B 366 28.76 18.99 -2.23
CA PHE B 366 29.67 19.73 -1.36
C PHE B 366 31.00 19.01 -1.30
N VAL B 367 30.94 17.68 -1.35
CA VAL B 367 32.13 16.83 -1.32
C VAL B 367 32.19 16.11 -2.66
N PRO B 368 33.32 16.21 -3.37
CA PRO B 368 33.45 15.55 -4.67
C PRO B 368 33.05 14.09 -4.62
N THR B 369 32.22 13.67 -5.58
CA THR B 369 31.77 12.30 -5.64
C THR B 369 32.84 11.39 -6.22
N ASN B 370 32.75 10.10 -5.92
CA ASN B 370 33.73 9.12 -6.41
C ASN B 370 33.06 7.97 -7.16
N TYR B 371 32.10 8.29 -8.01
CA TYR B 371 31.39 7.27 -8.78
C TYR B 371 32.37 6.58 -9.73
N TYR B 372 32.19 5.27 -9.91
CA TYR B 372 33.08 4.51 -10.78
C TYR B 372 32.53 4.44 -12.20
N THR B 373 33.26 5.04 -13.14
CA THR B 373 32.86 5.04 -14.54
C THR B 373 34.03 4.55 -15.39
N LEU B 374 33.73 3.95 -16.54
CA LEU B 374 34.78 3.44 -17.42
C LEU B 374 35.46 4.58 -18.16
S SO4 C . -17.41 -5.32 -27.14
O1 SO4 C . -17.39 -5.46 -25.67
O2 SO4 C . -17.47 -6.66 -27.76
O3 SO4 C . -18.60 -4.55 -27.55
O4 SO4 C . -16.18 -4.62 -27.57
S SO4 D . -30.14 -32.70 -13.30
O1 SO4 D . -30.78 -31.59 -14.02
O2 SO4 D . -30.59 -33.98 -13.88
O3 SO4 D . -28.68 -32.59 -13.44
O4 SO4 D . -30.51 -32.64 -11.88
S SO4 E . -30.59 7.73 3.72
O1 SO4 E . -32.01 8.09 3.82
O2 SO4 E . -30.25 6.73 4.74
O3 SO4 E . -30.30 7.18 2.38
O4 SO4 E . -29.77 8.94 3.92
S SO4 F . -30.95 12.06 8.85
O1 SO4 F . -32.07 11.22 8.36
O2 SO4 F . -29.93 11.20 9.47
O3 SO4 F . -30.37 12.79 7.72
O4 SO4 F . -31.47 13.02 9.85
S SO4 G . -1.58 -10.69 28.86
O1 SO4 G . -1.41 -12.09 28.42
O2 SO4 G . -0.35 -10.23 29.52
O3 SO4 G . -1.85 -9.84 27.68
O4 SO4 G . -2.70 -10.60 29.80
S SO4 H . -9.15 -8.24 32.01
O1 SO4 H . -8.93 -9.69 31.80
O2 SO4 H . -9.24 -7.96 33.46
O3 SO4 H . -8.00 -7.50 31.44
O4 SO4 H . -10.38 -7.82 31.34
S SO4 I . -22.04 -15.50 17.74
O1 SO4 I . -23.34 -14.93 17.31
O2 SO4 I . -21.52 -16.37 16.67
O3 SO4 I . -21.09 -14.40 18.00
O4 SO4 I . -22.23 -16.27 18.98
S SO4 J . -27.82 3.82 -20.48
O1 SO4 J . -29.27 4.06 -20.31
O2 SO4 J . -27.59 2.39 -20.74
O3 SO4 J . -27.33 4.61 -21.63
O4 SO4 J . -27.10 4.24 -19.26
S SO4 K . 19.88 21.13 -13.50
O1 SO4 K . 19.90 19.74 -13.97
O2 SO4 K . 20.94 21.32 -12.47
O3 SO4 K . 20.11 22.05 -14.62
O4 SO4 K . 18.56 21.43 -12.88
S SO4 L . 20.02 22.78 17.03
O1 SO4 L . 19.31 22.72 15.74
O2 SO4 L . 19.47 21.75 17.94
O3 SO4 L . 21.46 22.54 16.81
O4 SO4 L . 19.82 24.12 17.64
S SO4 M . 22.95 17.00 14.52
O1 SO4 M . 22.18 17.12 13.27
O2 SO4 M . 24.14 16.18 14.29
O3 SO4 M . 23.36 18.34 14.97
O4 SO4 M . 22.10 16.36 15.55
#